data_6DAW
#
_entry.id   6DAW
#
_cell.length_a   121.631
_cell.length_b   121.631
_cell.length_c   82.054
_cell.angle_alpha   90.000
_cell.angle_beta   90.000
_cell.angle_gamma   120.000
#
_symmetry.space_group_name_H-M   'P 62'
#
loop_
_entity.id
_entity.type
_entity.pdbx_description
1 polymer 'Non-heme iron hydroxylase'
2 non-polymer 'FE (II) ION'
3 non-polymer ARGININE
4 non-polymer 'ACETATE ION'
5 water water
#
_entity_poly.entity_id   1
_entity_poly.type   'polypeptide(L)'
_entity_poly.pdbx_seq_one_letter_code
;AVPRGSHMMIRYVDLDAAEGAALDELTRSVLRDHGASSSPSLLDDLSLVAHRMPPRLIRELRRFRTAEEASCLVVRGLPV
DDRRLGPTPLDWREPPREPESEVHEVFLTLATAHLGDIFGWSTLQNGRLVHDVLPVPSHENDQSGHGTVELAWHTEDGFH
PYRCDYLLLLGLRNHDAVPTGVAGVDQVVLSDEHREVLSQPRFLIRPDTEHLRHARTLAADRGSPHAVQLMQDEPEPCAV
LFGHPDRPYLRIDPAFMSPLPGDPEAAAALEALTAELQRNLTDVVLSPGDLLVIDNYRVVHGRAAFKARFDGTDRWLKKA
VVTRDLRKSRAHRKSAAERVLL
;
_entity_poly.pdbx_strand_id   A,B
#
# COMPACT_ATOMS: atom_id res chain seq x y z
N ALA A 1 10.21 21.33 -10.41
CA ALA A 1 9.83 20.59 -9.16
C ALA A 1 11.04 20.21 -8.27
N VAL A 2 12.25 20.31 -8.83
CA VAL A 2 13.48 20.07 -8.06
C VAL A 2 14.62 20.95 -8.59
N PRO A 3 15.54 21.40 -7.74
CA PRO A 3 15.60 21.04 -6.32
C PRO A 3 14.70 21.90 -5.43
N ARG A 4 14.47 21.44 -4.20
CA ARG A 4 13.77 22.21 -3.19
C ARG A 4 14.76 22.70 -2.16
N GLY A 5 14.33 23.62 -1.30
CA GLY A 5 15.18 24.15 -0.24
C GLY A 5 15.40 23.16 0.88
N SER A 6 16.51 23.33 1.59
CA SER A 6 16.87 22.51 2.76
C SER A 6 15.82 22.60 3.87
N HIS A 7 15.22 23.79 4.03
CA HIS A 7 14.22 24.04 5.07
C HIS A 7 12.99 23.12 4.95
N MET A 8 12.71 22.67 3.74
CA MET A 8 11.55 21.83 3.47
C MET A 8 11.74 20.37 3.89
N MET A 9 12.99 19.94 4.12
CA MET A 9 13.29 18.51 4.31
C MET A 9 12.75 17.93 5.61
N ILE A 10 13.03 18.59 6.72
CA ILE A 10 12.73 18.07 8.05
C ILE A 10 11.63 18.87 8.73
N ARG A 11 10.57 18.19 9.14
CA ARG A 11 9.49 18.80 9.91
C ARG A 11 9.56 18.32 11.35
N TYR A 12 9.57 19.27 12.28
CA TYR A 12 9.62 18.93 13.70
C TYR A 12 8.24 19.04 14.34
N VAL A 13 7.91 18.06 15.18
CA VAL A 13 6.70 18.09 15.98
C VAL A 13 7.10 17.91 17.44
N ASP A 14 6.62 18.79 18.29
CA ASP A 14 6.87 18.67 19.73
C ASP A 14 5.57 18.31 20.45
N LEU A 15 5.56 17.15 21.08
CA LEU A 15 4.41 16.73 21.87
C LEU A 15 4.39 17.53 23.16
N ASP A 16 3.20 17.90 23.62
CA ASP A 16 3.09 18.60 24.90
C ASP A 16 2.97 17.58 26.03
N ALA A 17 2.90 18.07 27.27
CA ALA A 17 2.87 17.20 28.45
C ALA A 17 1.71 16.21 28.40
N ALA A 18 0.52 16.70 28.06
CA ALA A 18 -0.67 15.86 28.01
C ALA A 18 -0.56 14.77 26.96
N GLU A 19 0.01 15.13 25.80
CA GLU A 19 0.18 14.16 24.71
C GLU A 19 1.20 13.09 25.07
N GLY A 20 2.31 13.51 25.67
CA GLY A 20 3.34 12.58 26.13
C GLY A 20 2.83 11.59 27.16
N ALA A 21 2.15 12.10 28.19
CA ALA A 21 1.59 11.27 29.26
C ALA A 21 0.47 10.34 28.78
N ALA A 22 -0.33 10.80 27.83
CA ALA A 22 -1.37 9.96 27.24
C ALA A 22 -0.77 8.78 26.48
N LEU A 23 0.33 9.04 25.76
CA LEU A 23 1.03 7.99 25.01
C LEU A 23 1.72 6.99 25.95
N ASP A 24 2.34 7.50 27.01
CA ASP A 24 2.96 6.64 28.02
C ASP A 24 1.90 5.71 28.64
N GLU A 25 0.77 6.28 29.04
CA GLU A 25 -0.33 5.49 29.61
C GLU A 25 -0.86 4.48 28.60
N LEU A 26 -1.15 4.95 27.39
CA LEU A 26 -1.70 4.09 26.33
C LEU A 26 -0.80 2.89 26.04
N THR A 27 0.48 3.14 25.80
CA THR A 27 1.40 2.07 25.40
C THR A 27 1.66 1.04 26.51
N ARG A 28 1.65 1.51 27.76
CA ARG A 28 1.76 0.61 28.91
C ARG A 28 0.57 -0.34 29.02
N SER A 29 -0.64 0.19 28.90
CA SER A 29 -1.85 -0.66 29.01
C SER A 29 -1.99 -1.61 27.82
N VAL A 30 -1.58 -1.15 26.63
CA VAL A 30 -1.58 -2.00 25.45
C VAL A 30 -0.62 -3.19 25.65
N LEU A 31 0.58 -2.91 26.16
CA LEU A 31 1.54 -3.98 26.47
C LEU A 31 0.95 -4.99 27.46
N ARG A 32 0.34 -4.49 28.53
CA ARG A 32 -0.29 -5.35 29.55
C ARG A 32 -1.35 -6.26 28.94
N ASP A 33 -2.26 -5.66 28.19
CA ASP A 33 -3.40 -6.40 27.61
C ASP A 33 -2.99 -7.39 26.54
N HIS A 34 -2.03 -7.01 25.69
CA HIS A 34 -1.67 -7.81 24.51
C HIS A 34 -0.42 -8.68 24.67
N GLY A 35 0.35 -8.46 25.74
CA GLY A 35 1.42 -9.38 26.11
C GLY A 35 2.78 -9.13 25.47
N ALA A 36 2.79 -8.53 24.28
CA ALA A 36 4.05 -8.17 23.62
C ALA A 36 3.80 -7.12 22.54
N SER A 37 4.84 -6.37 22.21
CA SER A 37 4.75 -5.33 21.19
C SER A 37 4.42 -5.88 19.80
N SER A 38 4.72 -7.17 19.56
CA SER A 38 4.47 -7.82 18.28
C SER A 38 3.30 -8.81 18.32
N SER A 39 2.53 -8.80 19.41
CA SER A 39 1.52 -9.82 19.65
C SER A 39 0.50 -9.90 18.50
N PRO A 40 0.12 -11.11 18.09
CA PRO A 40 -0.94 -11.25 17.07
C PRO A 40 -2.28 -10.62 17.46
N SER A 41 -2.59 -10.57 18.76
CA SER A 41 -3.81 -9.91 19.22
C SER A 41 -3.75 -8.41 18.93
N LEU A 42 -2.57 -7.82 19.12
CA LEU A 42 -2.37 -6.39 18.82
C LEU A 42 -2.35 -6.13 17.31
N LEU A 43 -1.58 -6.93 16.58
CA LEU A 43 -1.44 -6.73 15.12
C LEU A 43 -2.77 -6.86 14.37
N ASP A 44 -3.61 -7.80 14.78
CA ASP A 44 -4.93 -8.01 14.16
C ASP A 44 -5.88 -6.84 14.40
N ASP A 45 -5.71 -6.13 15.53
CA ASP A 45 -6.57 -4.99 15.85
C ASP A 45 -5.80 -3.67 15.83
N LEU A 46 -4.71 -3.62 15.05
CA LEU A 46 -3.69 -2.57 15.18
C LEU A 46 -4.20 -1.16 14.90
N SER A 47 -5.00 -0.99 13.86
CA SER A 47 -5.49 0.34 13.48
C SER A 47 -6.45 0.90 14.52
N LEU A 48 -7.34 0.06 15.05
CA LEU A 48 -8.24 0.47 16.13
C LEU A 48 -7.46 0.97 17.36
N VAL A 49 -6.46 0.19 17.76
CA VAL A 49 -5.65 0.53 18.94
C VAL A 49 -4.78 1.76 18.65
N ALA A 50 -4.22 1.81 17.45
CA ALA A 50 -3.44 2.97 17.00
C ALA A 50 -4.25 4.27 17.00
N HIS A 51 -5.53 4.18 16.68
CA HIS A 51 -6.39 5.37 16.67
C HIS A 51 -6.83 5.85 18.06
N ARG A 52 -6.35 5.19 19.13
CA ARG A 52 -6.46 5.73 20.48
C ARG A 52 -5.32 6.70 20.80
N MET A 53 -4.34 6.83 19.90
CA MET A 53 -3.27 7.82 20.08
C MET A 53 -3.82 9.25 19.98
N PRO A 54 -3.07 10.24 20.51
CA PRO A 54 -3.54 11.64 20.45
C PRO A 54 -3.73 12.13 19.00
N PRO A 55 -4.91 12.71 18.70
CA PRO A 55 -5.28 13.04 17.31
C PRO A 55 -4.26 13.88 16.53
N ARG A 56 -3.57 14.81 17.20
CA ARG A 56 -2.56 15.62 16.52
C ARG A 56 -1.41 14.77 16.00
N LEU A 57 -1.04 13.73 16.74
CA LEU A 57 0.01 12.82 16.30
C LEU A 57 -0.47 11.97 15.11
N ILE A 58 -1.72 11.53 15.18
CA ILE A 58 -2.31 10.79 14.05
C ILE A 58 -2.30 11.65 12.79
N ARG A 59 -2.68 12.92 12.92
CA ARG A 59 -2.76 13.82 11.76
C ARG A 59 -1.38 14.13 11.19
N GLU A 60 -0.39 14.34 12.05
CA GLU A 60 0.98 14.56 11.60
C GLU A 60 1.54 13.36 10.82
N LEU A 61 1.24 12.15 11.29
CA LEU A 61 1.72 10.94 10.61
C LEU A 61 1.01 10.75 9.27
N ARG A 62 -0.32 10.86 9.28
CA ARG A 62 -1.09 10.72 8.06
C ARG A 62 -0.72 11.76 7.01
N ARG A 63 -0.58 13.02 7.42
CA ARG A 63 -0.20 14.07 6.49
C ARG A 63 1.21 13.84 5.93
N PHE A 64 2.11 13.36 6.78
CA PHE A 64 3.49 13.09 6.35
C PHE A 64 3.54 12.10 5.19
N ARG A 65 2.78 11.02 5.28
CA ARG A 65 2.76 10.02 4.20
C ARG A 65 1.95 10.47 2.99
N THR A 66 0.91 11.26 3.20
CA THR A 66 0.04 11.67 2.09
C THR A 66 0.61 12.86 1.31
N ALA A 67 0.99 13.92 2.02
CA ALA A 67 1.44 15.16 1.39
C ALA A 67 2.78 15.03 0.70
N GLU A 68 3.67 14.20 1.27
CA GLU A 68 4.99 13.96 0.70
C GLU A 68 5.72 15.29 0.46
N GLU A 69 5.67 16.16 1.47
CA GLU A 69 6.38 17.43 1.48
C GLU A 69 7.72 17.23 2.18
N ALA A 70 7.73 17.35 3.51
CA ALA A 70 8.88 16.98 4.29
C ALA A 70 9.17 15.49 4.07
N SER A 71 10.45 15.15 3.96
CA SER A 71 10.88 13.77 3.78
C SER A 71 11.32 13.11 5.09
N CYS A 72 11.55 13.92 6.13
CA CYS A 72 11.78 13.41 7.48
C CYS A 72 10.86 14.10 8.47
N LEU A 73 10.25 13.32 9.35
CA LEU A 73 9.43 13.86 10.44
C LEU A 73 10.10 13.49 11.76
N VAL A 74 10.36 14.50 12.58
CA VAL A 74 10.94 14.29 13.90
C VAL A 74 9.90 14.66 14.96
N VAL A 75 9.40 13.66 15.67
CA VAL A 75 8.47 13.84 16.76
C VAL A 75 9.20 13.71 18.08
N ARG A 76 9.25 14.79 18.85
CA ARG A 76 9.95 14.81 20.14
C ARG A 76 8.93 14.86 21.27
N GLY A 77 9.29 14.30 22.43
CA GLY A 77 8.48 14.42 23.65
C GLY A 77 7.93 13.14 24.26
N LEU A 78 8.24 11.99 23.67
CA LEU A 78 7.83 10.71 24.27
C LEU A 78 8.58 10.52 25.59
N PRO A 79 7.83 10.31 26.69
CA PRO A 79 8.53 10.10 27.98
C PRO A 79 9.36 8.83 27.98
N VAL A 80 10.64 8.97 28.35
CA VAL A 80 11.54 7.84 28.47
C VAL A 80 12.34 8.03 29.75
N ASP A 81 12.15 7.14 30.72
CA ASP A 81 12.86 7.21 31.99
C ASP A 81 14.14 6.39 31.89
N ASP A 82 15.28 7.06 32.00
CA ASP A 82 16.59 6.44 31.77
C ASP A 82 16.89 5.33 32.76
N ARG A 83 16.49 5.52 34.02
CA ARG A 83 16.73 4.51 35.06
C ARG A 83 15.86 3.27 34.85
N ARG A 84 14.56 3.47 34.62
CA ARG A 84 13.65 2.35 34.40
C ARG A 84 13.98 1.57 33.14
N LEU A 85 14.57 2.25 32.17
CA LEU A 85 15.03 1.61 30.93
C LEU A 85 16.07 0.52 31.21
N GLY A 86 16.89 0.72 32.23
CA GLY A 86 17.96 -0.20 32.55
C GLY A 86 19.09 -0.11 31.53
N PRO A 87 20.11 -0.97 31.67
CA PRO A 87 21.27 -0.91 30.81
C PRO A 87 21.00 -1.37 29.38
N THR A 88 21.66 -0.71 28.42
CA THR A 88 21.62 -1.09 27.03
C THR A 88 22.18 -2.51 26.86
N PRO A 89 21.41 -3.41 26.24
CA PRO A 89 21.91 -4.76 25.98
C PRO A 89 23.17 -4.75 25.10
N LEU A 90 24.03 -5.73 25.30
CA LEU A 90 25.25 -5.87 24.50
C LEU A 90 24.99 -6.52 23.13
N ASP A 91 23.77 -7.00 22.91
CA ASP A 91 23.38 -7.56 21.61
C ASP A 91 21.86 -7.61 21.51
N TRP A 92 21.34 -7.55 20.30
CA TRP A 92 19.88 -7.68 20.08
C TRP A 92 19.36 -9.06 20.52
N ARG A 93 20.22 -10.07 20.50
CA ARG A 93 19.87 -11.40 21.01
C ARG A 93 19.71 -11.45 22.52
N GLU A 94 20.44 -10.60 23.25
CA GLU A 94 20.34 -10.53 24.72
C GLU A 94 19.04 -9.86 25.15
N PRO A 95 18.21 -10.55 25.94
CA PRO A 95 17.02 -9.87 26.45
C PRO A 95 17.43 -8.75 27.41
N PRO A 96 16.76 -7.59 27.33
CA PRO A 96 17.14 -6.49 28.22
C PRO A 96 16.91 -6.81 29.70
N ARG A 97 17.72 -6.21 30.57
CA ARG A 97 17.56 -6.38 32.01
C ARG A 97 16.14 -6.01 32.45
N GLU A 98 15.64 -4.89 31.92
CA GLU A 98 14.31 -4.39 32.26
C GLU A 98 13.34 -4.61 31.10
N PRO A 99 12.03 -4.77 31.40
CA PRO A 99 11.00 -4.88 30.39
C PRO A 99 10.52 -3.54 29.83
N GLU A 100 11.07 -2.44 30.36
CA GLU A 100 10.61 -1.08 30.04
C GLU A 100 10.69 -0.76 28.55
N SER A 101 11.74 -1.21 27.87
CA SER A 101 11.92 -0.85 26.44
C SER A 101 10.79 -1.38 25.54
N GLU A 102 10.11 -2.45 25.96
CA GLU A 102 9.00 -2.98 25.18
C GLU A 102 7.78 -2.05 25.18
N VAL A 103 7.66 -1.19 26.19
CA VAL A 103 6.62 -0.16 26.22
C VAL A 103 6.81 0.78 25.03
N HIS A 104 8.06 1.11 24.74
CA HIS A 104 8.37 2.04 23.66
C HIS A 104 8.32 1.34 22.30
N GLU A 105 8.57 0.02 22.29
CA GLU A 105 8.31 -0.78 21.10
C GLU A 105 6.85 -0.67 20.68
N VAL A 106 5.94 -0.66 21.65
CA VAL A 106 4.52 -0.54 21.38
C VAL A 106 4.20 0.81 20.74
N PHE A 107 4.80 1.89 21.25
CA PHE A 107 4.64 3.20 20.61
C PHE A 107 5.01 3.13 19.13
N LEU A 108 6.12 2.46 18.85
CA LEU A 108 6.62 2.35 17.49
C LEU A 108 5.66 1.55 16.61
N THR A 109 5.19 0.40 17.12
CA THR A 109 4.30 -0.48 16.37
C THR A 109 2.99 0.23 16.05
N LEU A 110 2.48 0.97 17.03
CA LEU A 110 1.26 1.75 16.86
C LEU A 110 1.46 2.85 15.82
N ALA A 111 2.58 3.57 15.90
CA ALA A 111 2.89 4.61 14.92
C ALA A 111 2.86 4.09 13.48
N THR A 112 3.33 2.85 13.26
CA THR A 112 3.39 2.29 11.91
C THR A 112 2.00 2.18 11.27
N ALA A 113 0.98 1.94 12.09
CA ALA A 113 -0.38 1.77 11.60
C ALA A 113 -0.86 2.92 10.72
N HIS A 114 -0.38 4.13 11.04
CA HIS A 114 -0.76 5.35 10.29
C HIS A 114 0.14 5.63 9.08
N LEU A 115 1.10 4.76 8.83
CA LEU A 115 2.00 4.89 7.67
C LEU A 115 1.80 3.77 6.65
N GLY A 116 1.48 2.56 7.13
CA GLY A 116 1.26 1.42 6.24
C GLY A 116 1.28 0.10 6.99
N ASP A 117 1.87 -0.93 6.37
CA ASP A 117 1.93 -2.28 6.92
C ASP A 117 3.32 -2.55 7.50
N ILE A 118 3.41 -2.70 8.82
CA ILE A 118 4.67 -3.13 9.43
C ILE A 118 5.05 -4.51 8.91
N PHE A 119 6.35 -4.71 8.64
CA PHE A 119 6.85 -6.00 8.20
C PHE A 119 8.26 -6.25 8.72
N GLY A 120 8.78 -7.46 8.45
CA GLY A 120 10.10 -7.85 8.92
C GLY A 120 10.81 -8.75 7.92
N TRP A 121 12.06 -9.08 8.25
CA TRP A 121 12.89 -9.95 7.43
C TRP A 121 13.33 -11.15 8.24
N SER A 122 13.22 -12.35 7.68
CA SER A 122 13.77 -13.55 8.32
C SER A 122 15.28 -13.39 8.55
N THR A 123 15.93 -12.69 7.62
CA THR A 123 17.38 -12.52 7.65
C THR A 123 17.89 -11.37 8.52
N LEU A 124 17.02 -10.64 9.21
CA LEU A 124 17.45 -9.62 10.17
C LEU A 124 16.78 -9.82 11.53
N GLN A 125 17.60 -9.88 12.57
CA GLN A 125 17.14 -10.02 13.96
C GLN A 125 16.04 -11.08 14.14
N ASN A 126 16.24 -12.23 13.50
CA ASN A 126 15.35 -13.38 13.64
C ASN A 126 13.88 -13.05 13.33
N GLY A 127 13.65 -12.25 12.31
CA GLY A 127 12.29 -11.92 11.86
C GLY A 127 11.47 -11.05 12.80
N ARG A 128 12.12 -10.35 13.72
CA ARG A 128 11.41 -9.47 14.65
C ARG A 128 10.84 -8.25 13.91
N LEU A 129 9.71 -7.75 14.38
CA LEU A 129 9.07 -6.59 13.77
C LEU A 129 9.61 -5.26 14.31
N VAL A 130 10.21 -5.28 15.50
CA VAL A 130 10.92 -4.13 16.03
C VAL A 130 12.36 -4.53 16.37
N HIS A 131 13.31 -3.83 15.76
CA HIS A 131 14.74 -4.10 15.94
C HIS A 131 15.32 -3.25 17.06
N ASP A 132 16.43 -3.74 17.62
CA ASP A 132 17.27 -2.94 18.52
C ASP A 132 18.50 -2.47 17.74
N VAL A 133 18.71 -1.15 17.73
CA VAL A 133 19.92 -0.57 17.15
C VAL A 133 20.84 -0.17 18.30
N LEU A 134 21.99 -0.82 18.38
CA LEU A 134 22.94 -0.63 19.48
C LEU A 134 24.28 -1.25 19.10
N PRO A 135 25.36 -0.77 19.72
CA PRO A 135 26.69 -1.31 19.40
C PRO A 135 26.95 -2.68 20.02
N VAL A 136 27.46 -3.61 19.23
CA VAL A 136 27.75 -4.97 19.67
C VAL A 136 29.25 -5.24 19.56
N PRO A 137 29.86 -5.83 20.60
CA PRO A 137 31.30 -6.15 20.51
C PRO A 137 31.59 -7.16 19.41
N SER A 138 32.69 -6.93 18.69
CA SER A 138 33.09 -7.70 17.49
C SER A 138 32.55 -7.12 16.19
N HIS A 139 31.58 -6.20 16.26
CA HIS A 139 30.96 -5.65 15.08
C HIS A 139 31.21 -4.15 14.95
N GLU A 140 32.22 -3.65 15.67
CA GLU A 140 32.59 -2.22 15.64
C GLU A 140 32.84 -1.71 14.23
N ASN A 141 33.43 -2.56 13.38
CA ASN A 141 33.81 -2.17 12.02
C ASN A 141 32.78 -2.50 10.94
N ASP A 142 31.61 -2.99 11.34
CA ASP A 142 30.54 -3.36 10.39
C ASP A 142 29.78 -2.13 9.89
N GLN A 143 29.33 -2.21 8.65
CA GLN A 143 28.40 -1.23 8.09
C GLN A 143 26.97 -1.67 8.40
N SER A 144 26.62 -1.58 9.67
CA SER A 144 25.31 -1.97 10.18
C SER A 144 24.95 -1.08 11.36
N GLY A 145 23.75 -1.26 11.90
CA GLY A 145 23.34 -0.54 13.10
C GLY A 145 24.11 -0.94 14.36
N HIS A 146 24.95 -1.97 14.27
CA HIS A 146 25.72 -2.48 15.41
C HIS A 146 27.19 -2.05 15.40
N GLY A 147 27.57 -1.25 14.41
CA GLY A 147 28.94 -0.75 14.29
C GLY A 147 29.17 0.55 15.04
N THR A 148 30.44 0.91 15.20
CA THR A 148 30.82 2.19 15.79
C THR A 148 31.65 3.07 14.84
N VAL A 149 32.21 2.48 13.79
CA VAL A 149 32.77 3.27 12.70
C VAL A 149 31.64 4.02 12.01
N GLU A 150 31.98 5.01 11.19
CA GLU A 150 30.97 5.79 10.49
C GLU A 150 30.11 4.89 9.62
N LEU A 151 28.80 4.90 9.88
CA LEU A 151 27.83 4.20 9.03
C LEU A 151 27.57 5.01 7.78
N ALA A 152 28.05 4.53 6.64
CA ALA A 152 27.86 5.23 5.37
C ALA A 152 26.36 5.33 5.07
N TRP A 153 25.97 6.45 4.46
CA TRP A 153 24.55 6.69 4.19
C TRP A 153 24.07 5.77 3.06
N HIS A 154 22.77 5.50 3.07
CA HIS A 154 22.17 4.51 2.17
C HIS A 154 20.66 4.55 2.24
N THR A 155 20.01 4.03 1.20
CA THR A 155 18.60 3.68 1.27
C THR A 155 18.49 2.41 2.09
N GLU A 156 17.52 2.34 3.00
CA GLU A 156 17.33 1.13 3.80
C GLU A 156 16.99 -0.06 2.89
N ASP A 157 17.77 -1.13 3.00
CA ASP A 157 17.60 -2.33 2.17
C ASP A 157 17.49 -2.01 0.67
N GLY A 158 18.34 -1.08 0.22
CA GLY A 158 18.27 -0.55 -1.16
C GLY A 158 18.23 -1.59 -2.26
N PHE A 159 18.94 -2.70 -2.05
CA PHE A 159 19.00 -3.79 -3.03
C PHE A 159 17.67 -4.46 -3.31
N HIS A 160 16.76 -4.46 -2.34
CA HIS A 160 15.56 -5.27 -2.40
C HIS A 160 14.39 -4.48 -2.99
N PRO A 161 13.69 -5.06 -3.99
CA PRO A 161 12.54 -4.36 -4.60
C PRO A 161 11.37 -4.15 -3.63
N TYR A 162 11.26 -5.00 -2.62
CA TYR A 162 10.27 -4.87 -1.56
C TYR A 162 10.85 -4.26 -0.27
N ARG A 163 11.90 -3.47 -0.40
CA ARG A 163 12.41 -2.66 0.71
C ARG A 163 11.33 -1.71 1.23
N CYS A 164 11.55 -1.14 2.40
CA CYS A 164 10.49 -0.38 3.07
C CYS A 164 10.21 0.96 2.41
N ASP A 165 9.00 1.45 2.65
CA ASP A 165 8.58 2.80 2.24
C ASP A 165 8.95 3.83 3.31
N TYR A 166 8.86 3.42 4.58
CA TYR A 166 9.15 4.31 5.70
C TYR A 166 9.99 3.59 6.75
N LEU A 167 10.99 4.29 7.27
CA LEU A 167 11.87 3.76 8.32
C LEU A 167 11.65 4.62 9.57
N LEU A 168 11.44 3.94 10.70
CA LEU A 168 11.19 4.62 11.97
C LEU A 168 12.33 4.26 12.92
N LEU A 169 12.91 5.29 13.53
CA LEU A 169 13.98 5.15 14.50
C LEU A 169 13.57 5.94 15.74
N LEU A 170 13.53 5.25 16.88
CA LEU A 170 13.12 5.86 18.13
C LEU A 170 14.29 5.85 19.09
N GLY A 171 14.73 7.03 19.50
CA GLY A 171 15.83 7.16 20.46
C GLY A 171 15.42 6.72 21.86
N LEU A 172 16.21 5.86 22.46
CA LEU A 172 16.03 5.50 23.87
C LEU A 172 17.15 6.03 24.76
N ARG A 173 18.38 5.92 24.28
CA ARG A 173 19.55 6.44 25.00
C ARG A 173 20.59 6.90 23.99
N ASN A 174 21.19 8.05 24.26
CA ASN A 174 22.20 8.64 23.39
C ASN A 174 22.96 9.72 24.15
N HIS A 175 23.70 9.31 25.18
CA HIS A 175 24.35 10.24 26.11
C HIS A 175 25.38 11.15 25.45
N ASP A 176 26.03 10.64 24.40
CA ASP A 176 27.09 11.38 23.72
C ASP A 176 26.62 12.08 22.44
N ALA A 177 25.30 12.18 22.26
CA ALA A 177 24.72 12.99 21.18
C ALA A 177 25.21 12.60 19.79
N VAL A 178 25.29 11.30 19.52
CA VAL A 178 25.76 10.83 18.20
C VAL A 178 24.70 11.14 17.14
N PRO A 179 25.09 11.88 16.07
CA PRO A 179 24.10 12.30 15.09
C PRO A 179 23.74 11.23 14.06
N THR A 180 22.47 11.25 13.64
CA THR A 180 21.99 10.47 12.50
C THR A 180 22.03 11.41 11.31
N GLY A 181 22.70 11.01 10.24
CA GLY A 181 22.80 11.85 9.04
C GLY A 181 21.71 11.54 8.03
N VAL A 182 21.07 12.59 7.50
CA VAL A 182 20.04 12.42 6.47
C VAL A 182 20.22 13.40 5.30
N ALA A 183 19.95 12.92 4.11
CA ALA A 183 19.96 13.75 2.91
C ALA A 183 18.81 13.32 2.00
N GLY A 184 18.14 14.30 1.41
CA GLY A 184 16.95 14.06 0.60
C GLY A 184 17.19 14.25 -0.88
N VAL A 185 16.60 13.36 -1.68
CA VAL A 185 16.69 13.46 -3.15
C VAL A 185 16.05 14.75 -3.68
N ASP A 186 15.03 15.25 -3.01
CA ASP A 186 14.36 16.48 -3.43
C ASP A 186 15.30 17.69 -3.43
N GLN A 187 16.35 17.65 -2.60
CA GLN A 187 17.28 18.78 -2.44
C GLN A 187 18.51 18.74 -3.37
N VAL A 188 18.65 17.70 -4.19
CA VAL A 188 19.90 17.52 -4.96
C VAL A 188 19.95 18.36 -6.24
N VAL A 189 21.14 18.91 -6.51
CA VAL A 189 21.44 19.58 -7.77
C VAL A 189 22.08 18.59 -8.74
N LEU A 190 21.34 18.19 -9.77
CA LEU A 190 21.83 17.24 -10.77
C LEU A 190 21.46 17.69 -12.18
N SER A 191 22.34 17.43 -13.13
CA SER A 191 22.08 17.70 -14.54
C SER A 191 21.07 16.72 -15.10
N ASP A 192 20.41 17.12 -16.20
CA ASP A 192 19.45 16.25 -16.88
C ASP A 192 20.15 15.03 -17.50
N GLU A 193 21.42 15.20 -17.88
CA GLU A 193 22.21 14.12 -18.43
C GLU A 193 22.41 13.01 -17.40
N HIS A 194 22.87 13.38 -16.20
CA HIS A 194 23.04 12.41 -15.12
C HIS A 194 21.72 11.77 -14.70
N ARG A 195 20.68 12.60 -14.54
CA ARG A 195 19.33 12.11 -14.17
C ARG A 195 18.82 11.05 -15.14
N GLU A 196 19.08 11.24 -16.42
CA GLU A 196 18.67 10.28 -17.45
C GLU A 196 19.40 8.95 -17.28
N VAL A 197 20.72 9.02 -17.11
CA VAL A 197 21.52 7.82 -16.91
C VAL A 197 21.09 7.09 -15.63
N LEU A 198 20.85 7.85 -14.57
CA LEU A 198 20.43 7.30 -13.27
C LEU A 198 19.01 6.70 -13.29
N SER A 199 18.21 7.08 -14.29
CA SER A 199 16.85 6.55 -14.46
C SER A 199 16.82 5.23 -15.26
N GLN A 200 17.96 4.81 -15.78
CA GLN A 200 18.05 3.58 -16.57
C GLN A 200 18.66 2.45 -15.74
N PRO A 201 18.38 1.19 -16.10
CA PRO A 201 18.87 0.06 -15.31
C PRO A 201 20.36 -0.23 -15.53
N ARG A 202 21.22 0.65 -15.01
CA ARG A 202 22.66 0.55 -15.25
C ARG A 202 23.46 0.46 -13.95
N PHE A 203 22.83 -0.06 -12.89
CA PHE A 203 23.43 -0.11 -11.56
C PHE A 203 23.08 -1.43 -10.87
N LEU A 204 24.05 -1.96 -10.12
CA LEU A 204 23.90 -3.23 -9.42
C LEU A 204 23.94 -2.99 -7.92
N ILE A 205 22.82 -3.24 -7.25
CA ILE A 205 22.71 -3.01 -5.81
C ILE A 205 22.53 -4.35 -5.12
N ARG A 206 23.37 -4.63 -4.14
CA ARG A 206 23.46 -5.94 -3.50
C ARG A 206 23.19 -5.86 -2.00
N PRO A 207 22.86 -6.99 -1.36
CA PRO A 207 22.54 -6.97 0.07
C PRO A 207 23.73 -6.62 0.95
N ASP A 208 23.47 -6.04 2.10
CA ASP A 208 24.52 -5.81 3.09
C ASP A 208 24.93 -7.11 3.78
N THR A 209 26.05 -7.06 4.47
CA THR A 209 26.65 -8.22 5.11
C THR A 209 25.74 -8.88 6.16
N GLU A 210 25.02 -8.07 6.92
CA GLU A 210 24.13 -8.59 7.97
C GLU A 210 23.06 -9.52 7.39
N HIS A 211 22.41 -9.08 6.31
CA HIS A 211 21.45 -9.92 5.56
C HIS A 211 22.05 -11.26 5.14
N LEU A 212 23.20 -11.22 4.49
CA LEU A 212 23.81 -12.43 3.92
C LEU A 212 24.24 -13.46 4.98
N ARG A 213 24.76 -12.98 6.10
CA ARG A 213 25.13 -13.87 7.21
C ARG A 213 23.99 -14.84 7.54
N HIS A 214 22.81 -14.29 7.73
CA HIS A 214 21.65 -15.06 8.15
C HIS A 214 21.00 -15.82 7.01
N ALA A 215 21.05 -15.27 5.79
CA ALA A 215 20.56 -15.96 4.61
C ALA A 215 21.30 -17.29 4.39
N ARG A 216 22.60 -17.27 4.60
CA ARG A 216 23.44 -18.47 4.47
C ARG A 216 23.03 -19.56 5.45
N THR A 217 22.66 -19.17 6.67
CA THR A 217 22.16 -20.12 7.68
C THR A 217 20.79 -20.68 7.31
N LEU A 218 19.88 -19.80 6.89
CA LEU A 218 18.52 -20.21 6.52
C LEU A 218 18.52 -21.08 5.26
N ALA A 219 19.52 -20.89 4.41
CA ALA A 219 19.66 -21.71 3.21
C ALA A 219 19.92 -23.17 3.57
N ALA A 220 20.89 -23.39 4.47
CA ALA A 220 21.25 -24.73 4.93
C ALA A 220 20.12 -25.41 5.69
N ASP A 221 19.35 -24.62 6.43
CA ASP A 221 18.24 -25.13 7.23
C ASP A 221 17.05 -25.54 6.39
N ARG A 222 16.70 -24.72 5.40
CA ARG A 222 15.54 -24.98 4.53
C ARG A 222 15.84 -25.95 3.41
N GLY A 223 17.12 -26.07 3.04
CA GLY A 223 17.53 -26.95 1.95
C GLY A 223 17.25 -26.36 0.58
N SER A 224 17.66 -25.11 0.40
CA SER A 224 17.53 -24.39 -0.86
C SER A 224 18.19 -23.02 -0.72
N PRO A 225 18.79 -22.49 -1.80
CA PRO A 225 19.37 -21.15 -1.70
C PRO A 225 18.33 -20.09 -1.33
N HIS A 226 18.76 -19.10 -0.55
CA HIS A 226 17.90 -18.01 -0.14
C HIS A 226 17.82 -16.97 -1.25
N ALA A 227 16.68 -16.29 -1.38
CA ALA A 227 16.52 -15.24 -2.40
C ALA A 227 17.62 -14.16 -2.31
N VAL A 228 17.93 -13.76 -1.09
CA VAL A 228 18.97 -12.75 -0.83
C VAL A 228 20.33 -13.19 -1.37
N GLN A 229 20.65 -14.47 -1.26
CA GLN A 229 21.90 -15.02 -1.83
C GLN A 229 21.94 -14.86 -3.34
N LEU A 230 20.84 -15.18 -4.01
CA LEU A 230 20.74 -14.99 -5.47
C LEU A 230 20.91 -13.51 -5.82
N MET A 231 20.32 -12.64 -5.01
CA MET A 231 20.43 -11.19 -5.24
C MET A 231 21.87 -10.71 -5.10
N GLN A 232 22.62 -11.32 -4.17
CA GLN A 232 24.05 -11.05 -4.03
C GLN A 232 24.83 -11.54 -5.25
N ASP A 233 24.61 -12.78 -5.66
CA ASP A 233 25.41 -13.39 -6.75
C ASP A 233 25.06 -12.85 -8.14
N GLU A 234 23.76 -12.71 -8.42
CA GLU A 234 23.29 -12.25 -9.74
C GLU A 234 22.28 -11.11 -9.60
N PRO A 235 22.73 -9.91 -9.20
CA PRO A 235 21.83 -8.78 -9.03
C PRO A 235 21.25 -8.30 -10.36
N GLU A 236 19.94 -8.04 -10.38
CA GLU A 236 19.27 -7.54 -11.58
C GLU A 236 19.56 -6.04 -11.73
N PRO A 237 20.04 -5.59 -12.91
CA PRO A 237 20.33 -4.16 -13.08
C PRO A 237 19.11 -3.28 -12.87
N CYS A 238 19.27 -2.19 -12.13
CA CYS A 238 18.13 -1.32 -11.78
C CYS A 238 18.51 0.15 -11.76
N ALA A 239 17.49 1.00 -11.79
CA ALA A 239 17.69 2.46 -11.79
C ALA A 239 17.86 2.99 -10.37
N VAL A 240 18.69 4.01 -10.23
CA VAL A 240 18.88 4.70 -8.95
C VAL A 240 17.79 5.77 -8.74
N LEU A 241 17.36 6.40 -9.82
CA LEU A 241 16.22 7.32 -9.81
C LEU A 241 15.03 6.67 -10.48
N PHE A 242 13.86 6.76 -9.85
CA PHE A 242 12.65 6.16 -10.41
C PHE A 242 11.42 6.99 -10.05
N GLY A 243 10.25 6.51 -10.46
CA GLY A 243 9.01 7.24 -10.27
C GLY A 243 8.88 8.31 -11.34
N HIS A 244 8.39 9.49 -10.94
CA HIS A 244 8.17 10.59 -11.87
C HIS A 244 9.45 11.40 -12.04
N PRO A 245 9.94 11.54 -13.29
CA PRO A 245 11.25 12.19 -13.53
C PRO A 245 11.35 13.67 -13.11
N ASP A 246 10.22 14.36 -12.99
CA ASP A 246 10.19 15.74 -12.47
C ASP A 246 10.46 15.87 -10.98
N ARG A 247 10.16 14.81 -10.22
CA ARG A 247 10.48 14.76 -8.80
C ARG A 247 10.65 13.28 -8.41
N PRO A 248 11.80 12.69 -8.76
CA PRO A 248 11.97 11.25 -8.67
C PRO A 248 12.15 10.70 -7.26
N TYR A 249 12.06 9.38 -7.16
CA TYR A 249 12.38 8.64 -5.95
C TYR A 249 13.79 8.07 -6.07
N LEU A 250 14.38 7.73 -4.93
CA LEU A 250 15.80 7.38 -4.84
C LEU A 250 16.00 5.96 -4.33
N ARG A 251 16.97 5.26 -4.93
CA ARG A 251 17.35 3.91 -4.52
C ARG A 251 18.87 3.78 -4.68
N ILE A 252 19.59 3.75 -3.56
CA ILE A 252 21.04 3.87 -3.58
C ILE A 252 21.65 3.28 -2.32
N ASP A 253 22.85 2.72 -2.46
CA ASP A 253 23.57 2.14 -1.33
C ASP A 253 25.06 2.01 -1.72
N PRO A 254 25.82 3.11 -1.59
CA PRO A 254 27.21 3.16 -2.06
C PRO A 254 28.09 2.01 -1.58
N ALA A 255 28.01 1.67 -0.30
CA ALA A 255 28.85 0.62 0.28
C ALA A 255 28.54 -0.78 -0.27
N PHE A 256 27.36 -0.99 -0.86
CA PHE A 256 26.98 -2.29 -1.41
C PHE A 256 26.45 -2.21 -2.84
N MET A 257 26.96 -1.26 -3.62
CA MET A 257 26.56 -1.16 -5.03
C MET A 257 27.75 -0.91 -5.94
N SER A 258 27.53 -1.12 -7.23
CA SER A 258 28.47 -0.75 -8.27
C SER A 258 27.71 -0.33 -9.51
N PRO A 259 28.29 0.58 -10.31
CA PRO A 259 27.72 0.81 -11.63
C PRO A 259 27.99 -0.42 -12.49
N LEU A 260 27.29 -0.57 -13.61
CA LEU A 260 27.57 -1.67 -14.53
C LEU A 260 29.04 -1.57 -14.97
N PRO A 261 29.74 -2.72 -15.01
CA PRO A 261 31.14 -2.70 -15.47
C PRO A 261 31.26 -2.24 -16.92
N GLY A 262 32.26 -1.41 -17.20
CA GLY A 262 32.46 -0.84 -18.54
C GLY A 262 31.45 0.25 -18.90
N ASP A 263 30.87 0.88 -17.89
CA ASP A 263 29.85 1.91 -18.08
C ASP A 263 30.29 3.18 -17.36
N PRO A 264 31.11 4.02 -18.03
CA PRO A 264 31.70 5.21 -17.40
C PRO A 264 30.70 6.36 -17.17
N GLU A 265 29.62 6.38 -17.94
CA GLU A 265 28.55 7.36 -17.75
C GLU A 265 27.77 7.03 -16.48
N ALA A 266 27.45 5.76 -16.31
CA ALA A 266 26.81 5.28 -15.09
C ALA A 266 27.73 5.56 -13.90
N ALA A 267 29.01 5.24 -14.06
CA ALA A 267 30.01 5.52 -13.02
C ALA A 267 30.08 7.01 -12.67
N ALA A 268 30.05 7.87 -13.68
CA ALA A 268 30.16 9.33 -13.47
C ALA A 268 28.89 9.93 -12.87
N ALA A 269 27.74 9.53 -13.39
CA ALA A 269 26.44 9.98 -12.87
C ALA A 269 26.24 9.58 -11.42
N LEU A 270 26.62 8.35 -11.07
CA LEU A 270 26.52 7.87 -9.69
C LEU A 270 27.42 8.68 -8.74
N GLU A 271 28.65 8.94 -9.19
CA GLU A 271 29.60 9.75 -8.43
C GLU A 271 29.09 11.17 -8.21
N ALA A 272 28.45 11.74 -9.24
CA ALA A 272 27.90 13.09 -9.13
C ALA A 272 26.79 13.15 -8.09
N LEU A 273 25.84 12.22 -8.18
CA LEU A 273 24.75 12.12 -7.22
C LEU A 273 25.28 11.88 -5.81
N THR A 274 26.24 10.96 -5.71
CA THR A 274 26.86 10.62 -4.44
C THR A 274 27.48 11.84 -3.75
N ALA A 275 28.26 12.61 -4.48
CA ALA A 275 28.92 13.81 -3.94
C ALA A 275 27.93 14.89 -3.52
N GLU A 276 26.81 14.97 -4.22
CA GLU A 276 25.77 15.95 -3.94
C GLU A 276 24.98 15.60 -2.66
N LEU A 277 24.60 14.32 -2.54
CA LEU A 277 23.97 13.84 -1.30
C LEU A 277 24.89 14.01 -0.10
N GLN A 278 26.19 13.73 -0.27
CA GLN A 278 27.17 13.89 0.80
C GLN A 278 27.25 15.34 1.27
N ARG A 279 27.24 16.28 0.34
CA ARG A 279 27.29 17.70 0.68
C ARG A 279 26.04 18.18 1.43
N ASN A 280 24.88 17.60 1.12
CA ASN A 280 23.61 17.99 1.75
C ASN A 280 23.24 17.16 2.97
N LEU A 281 24.16 16.30 3.43
CA LEU A 281 23.91 15.44 4.58
C LEU A 281 23.75 16.29 5.84
N THR A 282 22.65 16.04 6.56
CA THR A 282 22.24 16.90 7.66
C THR A 282 22.10 16.10 8.95
N ASP A 283 22.75 16.57 10.02
CA ASP A 283 22.74 15.89 11.31
C ASP A 283 21.43 16.06 12.05
N VAL A 284 20.84 14.93 12.46
CA VAL A 284 19.73 14.94 13.40
C VAL A 284 20.13 14.05 14.57
N VAL A 285 20.23 14.65 15.76
CA VAL A 285 20.57 13.92 16.98
C VAL A 285 19.29 13.41 17.62
N LEU A 286 19.17 12.10 17.75
CA LEU A 286 18.02 11.48 18.40
C LEU A 286 18.28 11.35 19.89
N SER A 287 17.59 12.17 20.68
CA SER A 287 17.65 12.09 22.13
C SER A 287 16.56 11.14 22.61
N PRO A 288 16.55 10.79 23.92
CA PRO A 288 15.53 9.87 24.42
C PRO A 288 14.10 10.34 24.10
N GLY A 289 13.32 9.45 23.49
CA GLY A 289 11.94 9.75 23.15
C GLY A 289 11.74 10.49 21.84
N ASP A 290 12.82 10.73 21.09
CA ASP A 290 12.72 11.33 19.76
C ASP A 290 12.43 10.26 18.72
N LEU A 291 11.33 10.41 17.99
CA LEU A 291 11.01 9.56 16.86
C LEU A 291 11.40 10.25 15.56
N LEU A 292 12.16 9.53 14.73
CA LEU A 292 12.47 9.98 13.38
C LEU A 292 11.79 9.07 12.38
N VAL A 293 10.88 9.61 11.59
CA VAL A 293 10.23 8.88 10.51
C VAL A 293 10.84 9.34 9.19
N ILE A 294 11.47 8.41 8.47
CA ILE A 294 12.19 8.70 7.24
C ILE A 294 11.41 8.10 6.09
N ASP A 295 11.21 8.87 5.02
CA ASP A 295 10.67 8.33 3.78
C ASP A 295 11.82 7.69 3.03
N ASN A 296 11.81 6.35 2.98
CA ASN A 296 12.89 5.59 2.38
C ASN A 296 12.93 5.69 0.85
N TYR A 297 11.87 6.24 0.25
CA TYR A 297 11.86 6.47 -1.21
C TYR A 297 12.45 7.83 -1.59
N ARG A 298 12.74 8.67 -0.60
CA ARG A 298 13.25 10.01 -0.84
C ARG A 298 14.46 10.43 0.00
N VAL A 299 14.93 9.56 0.88
CA VAL A 299 15.96 9.93 1.84
C VAL A 299 17.01 8.83 1.97
N VAL A 300 18.26 9.23 2.19
CA VAL A 300 19.31 8.32 2.61
C VAL A 300 19.68 8.73 4.03
N HIS A 301 20.09 7.76 4.83
CA HIS A 301 20.49 8.02 6.19
C HIS A 301 21.76 7.27 6.54
N GLY A 302 22.56 7.87 7.41
CA GLY A 302 23.77 7.26 7.92
C GLY A 302 23.91 7.60 9.39
N ARG A 303 25.07 7.35 9.94
CA ARG A 303 25.30 7.59 11.37
C ARG A 303 26.79 7.80 11.61
N ALA A 304 27.10 8.78 12.46
CA ALA A 304 28.49 9.17 12.71
C ALA A 304 29.24 8.09 13.47
N ALA A 305 30.56 8.13 13.34
CA ALA A 305 31.45 7.30 14.14
C ALA A 305 31.32 7.68 15.61
N PHE A 306 31.39 6.69 16.49
CA PHE A 306 31.46 6.96 17.92
C PHE A 306 32.23 5.86 18.62
N LYS A 307 32.43 6.02 19.93
CA LYS A 307 33.15 5.03 20.71
C LYS A 307 32.19 4.34 21.67
N ALA A 308 32.09 3.01 21.56
CA ALA A 308 31.28 2.22 22.48
C ALA A 308 32.11 1.81 23.68
N ARG A 309 31.46 1.75 24.85
CA ARG A 309 32.10 1.28 26.07
C ARG A 309 31.65 -0.14 26.44
N PHE A 310 30.51 -0.58 25.91
CA PHE A 310 29.91 -1.87 26.27
C PHE A 310 29.75 -2.07 27.79
N ASP A 311 29.29 -1.01 28.46
CA ASP A 311 29.11 -1.02 29.91
C ASP A 311 27.65 -0.80 30.30
N GLY A 312 26.74 -0.93 29.33
CA GLY A 312 25.32 -0.69 29.56
C GLY A 312 24.84 0.74 29.34
N THR A 313 25.76 1.65 29.01
CA THR A 313 25.41 3.07 28.83
C THR A 313 25.42 3.52 27.37
N ASP A 314 25.66 2.60 26.44
CA ASP A 314 25.81 2.96 25.03
C ASP A 314 24.50 3.32 24.32
N ARG A 315 24.65 3.96 23.16
CA ARG A 315 23.54 4.40 22.32
C ARG A 315 22.58 3.26 21.97
N TRP A 316 21.28 3.52 22.15
CA TRP A 316 20.24 2.50 21.97
C TRP A 316 19.03 3.10 21.27
N LEU A 317 18.65 2.52 20.13
CA LEU A 317 17.43 2.90 19.44
C LEU A 317 16.54 1.69 19.23
N LYS A 318 15.24 1.94 19.08
CA LYS A 318 14.31 0.96 18.53
C LYS A 318 14.02 1.33 17.07
N LYS A 319 13.79 0.32 16.25
CA LYS A 319 13.64 0.51 14.80
C LYS A 319 12.52 -0.35 14.25
N ALA A 320 11.73 0.22 13.35
CA ALA A 320 10.69 -0.52 12.63
C ALA A 320 10.61 -0.04 11.19
N VAL A 321 10.21 -0.95 10.30
CA VAL A 321 10.07 -0.62 8.89
C VAL A 321 8.65 -0.89 8.41
N VAL A 322 8.19 -0.07 7.47
CA VAL A 322 6.82 -0.10 7.00
C VAL A 322 6.80 -0.17 5.48
N THR A 323 5.95 -1.05 4.96
CA THR A 323 5.68 -1.10 3.52
C THR A 323 4.25 -0.60 3.31
N ARG A 324 4.08 0.23 2.29
CA ARG A 324 2.76 0.76 1.97
C ARG A 324 1.85 -0.33 1.43
N ASP A 325 2.43 -1.41 0.88
CA ASP A 325 1.65 -2.58 0.43
C ASP A 325 2.37 -3.91 0.67
N LEU A 326 1.95 -4.63 1.72
CA LEU A 326 2.51 -5.94 2.05
C LEU A 326 2.28 -6.97 0.94
N ARG A 327 1.16 -6.86 0.25
CA ARG A 327 0.78 -7.84 -0.78
C ARG A 327 1.80 -7.97 -1.91
N LYS A 328 2.52 -6.91 -2.25
CA LYS A 328 3.47 -6.97 -3.36
C LYS A 328 4.63 -7.94 -3.12
N SER A 329 4.91 -8.28 -1.86
CA SER A 329 5.95 -9.25 -1.53
C SER A 329 5.41 -10.67 -1.30
N ARG A 330 4.19 -10.95 -1.76
CA ARG A 330 3.54 -12.24 -1.50
C ARG A 330 4.38 -13.45 -1.92
N ALA A 331 5.05 -13.34 -3.06
CA ALA A 331 5.86 -14.44 -3.60
C ALA A 331 7.08 -14.75 -2.72
N HIS A 332 7.48 -13.80 -1.87
CA HIS A 332 8.61 -13.98 -0.96
C HIS A 332 8.16 -14.12 0.48
N ARG A 333 6.88 -14.45 0.68
CA ARG A 333 6.33 -14.67 2.01
C ARG A 333 5.65 -16.03 2.06
N LYS A 334 5.56 -16.58 3.26
CA LYS A 334 5.10 -17.94 3.48
C LYS A 334 3.58 -18.08 3.26
N SER A 335 2.85 -17.02 3.59
CA SER A 335 1.40 -16.97 3.39
C SER A 335 0.99 -15.50 3.30
N ALA A 336 -0.25 -15.25 2.90
CA ALA A 336 -0.73 -13.90 2.65
C ALA A 336 -0.67 -13.03 3.92
N ALA A 337 -1.07 -13.58 5.05
CA ALA A 337 -1.09 -12.84 6.32
C ALA A 337 0.28 -12.68 6.99
N GLU A 338 1.26 -13.51 6.60
CA GLU A 338 2.58 -13.49 7.24
C GLU A 338 3.32 -12.19 6.94
N ARG A 339 3.79 -11.52 8.00
CA ARG A 339 4.41 -10.20 7.88
C ARG A 339 5.94 -10.21 7.75
N VAL A 340 6.53 -11.40 7.78
CA VAL A 340 7.98 -11.54 7.73
C VAL A 340 8.37 -12.17 6.40
N LEU A 341 9.22 -11.49 5.64
CA LEU A 341 9.73 -12.04 4.38
C LEU A 341 10.61 -13.25 4.65
N LEU A 342 10.51 -14.23 3.75
CA LEU A 342 11.28 -15.46 3.87
C LEU A 342 12.77 -15.17 3.88
N VAL B 2 -4.73 -24.77 -3.01
CA VAL B 2 -5.90 -24.61 -3.94
C VAL B 2 -6.28 -25.97 -4.54
N PRO B 3 -7.56 -26.22 -4.80
CA PRO B 3 -8.65 -25.25 -4.65
C PRO B 3 -9.30 -25.28 -3.27
N ARG B 4 -9.83 -24.14 -2.83
CA ARG B 4 -10.60 -24.06 -1.60
C ARG B 4 -12.09 -24.23 -1.91
N GLY B 5 -12.87 -24.52 -0.87
CA GLY B 5 -14.30 -24.77 -1.01
C GLY B 5 -15.09 -23.51 -1.33
N SER B 6 -16.30 -23.71 -1.84
CA SER B 6 -17.17 -22.62 -2.29
C SER B 6 -17.68 -21.72 -1.17
N HIS B 7 -17.94 -22.31 0.00
CA HIS B 7 -18.45 -21.56 1.15
C HIS B 7 -17.46 -20.51 1.67
N MET B 8 -16.17 -20.73 1.45
CA MET B 8 -15.13 -19.83 1.92
C MET B 8 -15.05 -18.52 1.12
N MET B 9 -15.61 -18.50 -0.09
CA MET B 9 -15.48 -17.35 -0.98
C MET B 9 -16.14 -16.08 -0.45
N ILE B 10 -17.42 -16.17 -0.11
CA ILE B 10 -18.21 -15.00 0.30
C ILE B 10 -18.48 -15.02 1.79
N ARG B 11 -18.17 -13.91 2.46
CA ARG B 11 -18.48 -13.73 3.87
C ARG B 11 -19.54 -12.65 4.02
N TYR B 12 -20.61 -12.97 4.75
CA TYR B 12 -21.71 -12.04 4.98
C TYR B 12 -21.66 -11.42 6.36
N VAL B 13 -21.82 -10.10 6.42
CA VAL B 13 -21.99 -9.38 7.68
C VAL B 13 -23.36 -8.70 7.66
N ASP B 14 -24.10 -8.84 8.75
CA ASP B 14 -25.39 -8.16 8.90
C ASP B 14 -25.30 -7.14 10.02
N LEU B 15 -25.35 -5.85 9.66
CA LEU B 15 -25.33 -4.78 10.65
C LEU B 15 -26.67 -4.77 11.41
N ASP B 16 -26.62 -4.60 12.74
CA ASP B 16 -27.86 -4.50 13.53
C ASP B 16 -28.41 -3.08 13.44
N ALA B 17 -29.56 -2.86 14.09
CA ALA B 17 -30.28 -1.58 13.99
C ALA B 17 -29.46 -0.40 14.49
N ALA B 18 -28.79 -0.57 15.62
CA ALA B 18 -27.98 0.49 16.22
C ALA B 18 -26.79 0.85 15.33
N GLU B 19 -26.15 -0.17 14.76
CA GLU B 19 -25.01 0.03 13.87
C GLU B 19 -25.44 0.78 12.60
N GLY B 20 -26.54 0.33 12.02
CA GLY B 20 -27.10 0.97 10.82
C GLY B 20 -27.47 2.42 11.06
N ALA B 21 -28.10 2.69 12.21
CA ALA B 21 -28.49 4.04 12.61
C ALA B 21 -27.26 4.92 12.87
N ALA B 22 -26.25 4.34 13.52
CA ALA B 22 -25.01 5.07 13.78
C ALA B 22 -24.34 5.50 12.47
N LEU B 23 -24.34 4.61 11.49
CA LEU B 23 -23.74 4.91 10.18
C LEU B 23 -24.52 6.00 9.43
N ASP B 24 -25.84 5.91 9.45
CA ASP B 24 -26.70 6.92 8.85
C ASP B 24 -26.44 8.29 9.48
N GLU B 25 -26.31 8.33 10.80
CA GLU B 25 -26.04 9.58 11.50
C GLU B 25 -24.64 10.10 11.20
N LEU B 26 -23.64 9.21 11.26
CA LEU B 26 -22.26 9.60 11.00
C LEU B 26 -22.08 10.17 9.59
N THR B 27 -22.63 9.49 8.60
CA THR B 27 -22.42 9.86 7.21
C THR B 27 -23.11 11.17 6.82
N ARG B 28 -24.29 11.43 7.39
CA ARG B 28 -24.99 12.71 7.20
C ARG B 28 -24.24 13.86 7.85
N SER B 29 -23.81 13.65 9.09
CA SER B 29 -23.05 14.63 9.84
C SER B 29 -21.73 14.97 9.14
N VAL B 30 -21.03 13.94 8.68
CA VAL B 30 -19.77 14.13 7.95
C VAL B 30 -19.98 14.91 6.64
N LEU B 31 -21.03 14.59 5.90
CA LEU B 31 -21.34 15.30 4.66
C LEU B 31 -21.66 16.77 4.92
N ARG B 32 -22.40 17.01 6.00
CA ARG B 32 -22.74 18.36 6.43
C ARG B 32 -21.49 19.18 6.74
N ASP B 33 -20.58 18.59 7.51
CA ASP B 33 -19.38 19.31 7.96
C ASP B 33 -18.34 19.49 6.85
N HIS B 34 -18.20 18.51 5.98
CA HIS B 34 -17.12 18.50 4.99
C HIS B 34 -17.53 18.98 3.60
N GLY B 35 -18.83 19.04 3.33
CA GLY B 35 -19.35 19.65 2.09
C GLY B 35 -19.58 18.70 0.92
N ALA B 36 -18.78 17.65 0.83
CA ALA B 36 -18.90 16.69 -0.27
C ALA B 36 -18.19 15.39 0.09
N SER B 37 -18.63 14.29 -0.53
CA SER B 37 -18.04 12.99 -0.31
C SER B 37 -16.59 12.92 -0.76
N SER B 38 -16.22 13.79 -1.71
CA SER B 38 -14.84 13.87 -2.24
C SER B 38 -14.05 15.04 -1.65
N SER B 39 -14.60 15.72 -0.66
CA SER B 39 -14.02 16.97 -0.16
C SER B 39 -12.57 16.75 0.27
N PRO B 40 -11.67 17.70 -0.08
CA PRO B 40 -10.28 17.65 0.40
C PRO B 40 -10.16 17.59 1.93
N SER B 41 -11.07 18.25 2.63
CA SER B 41 -11.03 18.27 4.10
C SER B 41 -11.33 16.90 4.67
N LEU B 42 -12.25 16.18 4.01
CA LEU B 42 -12.56 14.81 4.40
C LEU B 42 -11.40 13.87 4.06
N LEU B 43 -10.84 14.02 2.87
CA LEU B 43 -9.75 13.14 2.43
C LEU B 43 -8.49 13.31 3.28
N ASP B 44 -8.15 14.55 3.61
CA ASP B 44 -7.02 14.86 4.50
C ASP B 44 -7.17 14.20 5.87
N ASP B 45 -8.41 14.06 6.34
CA ASP B 45 -8.68 13.51 7.66
C ASP B 45 -9.40 12.16 7.61
N LEU B 46 -9.28 11.46 6.48
CA LEU B 46 -10.14 10.32 6.20
C LEU B 46 -10.05 9.19 7.22
N SER B 47 -8.83 8.85 7.62
CA SER B 47 -8.62 7.76 8.56
C SER B 47 -9.31 8.04 9.89
N LEU B 48 -9.12 9.27 10.38
CA LEU B 48 -9.71 9.70 11.63
C LEU B 48 -11.23 9.60 11.61
N VAL B 49 -11.85 10.10 10.54
CA VAL B 49 -13.30 10.10 10.43
C VAL B 49 -13.80 8.66 10.25
N ALA B 50 -13.06 7.87 9.49
CA ALA B 50 -13.44 6.48 9.21
C ALA B 50 -13.41 5.59 10.46
N HIS B 51 -12.67 6.01 11.48
CA HIS B 51 -12.61 5.28 12.75
C HIS B 51 -13.65 5.78 13.77
N ARG B 52 -14.65 6.52 13.28
CA ARG B 52 -15.85 6.81 14.04
C ARG B 52 -16.99 5.86 13.65
N MET B 53 -16.76 4.99 12.66
CA MET B 53 -17.75 4.01 12.25
C MET B 53 -17.87 2.92 13.32
N PRO B 54 -18.99 2.17 13.34
CA PRO B 54 -19.14 1.08 14.32
C PRO B 54 -17.92 0.15 14.32
N PRO B 55 -17.35 -0.13 15.51
CA PRO B 55 -16.10 -0.92 15.60
C PRO B 55 -16.16 -2.27 14.85
N ARG B 56 -17.29 -2.95 14.90
CA ARG B 56 -17.41 -4.28 14.29
C ARG B 56 -17.25 -4.25 12.76
N LEU B 57 -17.72 -3.18 12.12
CA LEU B 57 -17.53 -3.01 10.67
C LEU B 57 -16.07 -2.75 10.36
N ILE B 58 -15.42 -1.94 11.18
CA ILE B 58 -14.00 -1.64 10.99
C ILE B 58 -13.21 -2.95 11.06
N ARG B 59 -13.48 -3.73 12.10
CA ARG B 59 -12.82 -5.02 12.30
C ARG B 59 -13.03 -5.96 11.12
N GLU B 60 -14.29 -6.10 10.68
CA GLU B 60 -14.62 -6.93 9.52
C GLU B 60 -13.89 -6.47 8.25
N LEU B 61 -13.82 -5.17 8.02
CA LEU B 61 -13.11 -4.63 6.86
C LEU B 61 -11.60 -4.88 6.95
N ARG B 62 -11.00 -4.54 8.10
CA ARG B 62 -9.56 -4.77 8.32
C ARG B 62 -9.19 -6.25 8.18
N ARG B 63 -9.98 -7.11 8.80
CA ARG B 63 -9.80 -8.56 8.70
C ARG B 63 -9.86 -9.04 7.26
N PHE B 64 -10.90 -8.63 6.54
CA PHE B 64 -11.09 -9.01 5.14
C PHE B 64 -9.83 -8.73 4.31
N ARG B 65 -9.30 -7.52 4.48
CA ARG B 65 -8.07 -7.10 3.82
C ARG B 65 -6.85 -7.91 4.25
N THR B 66 -6.72 -8.11 5.56
CA THR B 66 -5.51 -8.69 6.14
C THR B 66 -5.44 -10.21 5.99
N ALA B 67 -6.45 -10.89 6.52
CA ALA B 67 -6.46 -12.36 6.56
C ALA B 67 -6.50 -12.98 5.17
N GLU B 68 -7.19 -12.30 4.25
CA GLU B 68 -7.30 -12.73 2.86
C GLU B 68 -7.91 -14.13 2.73
N GLU B 69 -9.02 -14.33 3.43
CA GLU B 69 -9.72 -15.61 3.44
C GLU B 69 -10.88 -15.56 2.45
N ALA B 70 -12.01 -15.01 2.87
CA ALA B 70 -13.09 -14.73 1.92
C ALA B 70 -12.62 -13.69 0.90
N SER B 71 -12.99 -13.88 -0.36
CA SER B 71 -12.60 -12.96 -1.43
C SER B 71 -13.66 -11.90 -1.71
N CYS B 72 -14.86 -12.10 -1.20
CA CYS B 72 -15.93 -11.12 -1.30
C CYS B 72 -16.52 -10.88 0.09
N LEU B 73 -16.69 -9.61 0.46
CA LEU B 73 -17.35 -9.25 1.72
C LEU B 73 -18.66 -8.53 1.41
N VAL B 74 -19.76 -9.14 1.85
CA VAL B 74 -21.09 -8.57 1.64
C VAL B 74 -21.61 -8.04 2.97
N VAL B 75 -21.70 -6.72 3.09
CA VAL B 75 -22.22 -6.08 4.30
C VAL B 75 -23.62 -5.52 4.02
N ARG B 76 -24.61 -6.02 4.74
CA ARG B 76 -26.00 -5.60 4.56
C ARG B 76 -26.50 -4.85 5.78
N GLY B 77 -27.42 -3.92 5.58
CA GLY B 77 -28.04 -3.20 6.68
C GLY B 77 -27.91 -1.68 6.69
N LEU B 78 -27.15 -1.13 5.74
CA LEU B 78 -27.08 0.32 5.62
C LEU B 78 -28.47 0.86 5.30
N PRO B 79 -29.02 1.75 6.15
CA PRO B 79 -30.35 2.28 5.83
C PRO B 79 -30.35 3.09 4.53
N VAL B 80 -31.29 2.76 3.64
CA VAL B 80 -31.47 3.48 2.38
C VAL B 80 -32.97 3.68 2.15
N ASP B 81 -33.40 4.94 2.15
CA ASP B 81 -34.80 5.28 1.92
C ASP B 81 -35.03 5.55 0.43
N ASP B 82 -35.85 4.70 -0.21
CA ASP B 82 -36.08 4.78 -1.65
C ASP B 82 -36.71 6.11 -2.08
N ARG B 83 -37.59 6.65 -1.23
CA ARG B 83 -38.26 7.93 -1.52
C ARG B 83 -37.25 9.10 -1.47
N ARG B 84 -36.54 9.22 -0.36
CA ARG B 84 -35.59 10.33 -0.18
C ARG B 84 -34.46 10.29 -1.20
N LEU B 85 -34.10 9.08 -1.61
CA LEU B 85 -33.08 8.86 -2.63
C LEU B 85 -33.43 9.56 -3.95
N GLY B 86 -34.71 9.59 -4.30
CA GLY B 86 -35.16 10.23 -5.54
C GLY B 86 -34.85 9.37 -6.75
N PRO B 87 -35.28 9.83 -7.94
CA PRO B 87 -35.13 9.04 -9.16
C PRO B 87 -33.67 8.79 -9.55
N THR B 88 -33.43 7.66 -10.19
CA THR B 88 -32.11 7.32 -10.71
C THR B 88 -31.74 8.24 -11.86
N PRO B 89 -30.60 8.93 -11.77
CA PRO B 89 -30.13 9.76 -12.88
C PRO B 89 -30.05 8.99 -14.20
N LEU B 90 -30.29 9.68 -15.31
CA LEU B 90 -30.22 9.07 -16.63
C LEU B 90 -28.78 8.97 -17.15
N ASP B 91 -27.87 9.69 -16.51
CA ASP B 91 -26.45 9.69 -16.91
C ASP B 91 -25.61 10.05 -15.68
N TRP B 92 -24.39 9.53 -15.59
CA TRP B 92 -23.50 9.90 -14.50
C TRP B 92 -23.18 11.39 -14.54
N ARG B 93 -23.16 11.96 -15.74
CA ARG B 93 -22.97 13.40 -15.94
C ARG B 93 -24.09 14.28 -15.36
N GLU B 94 -25.30 13.75 -15.28
CA GLU B 94 -26.44 14.52 -14.80
C GLU B 94 -26.55 14.47 -13.28
N PRO B 95 -26.69 15.63 -12.63
CA PRO B 95 -26.76 15.64 -11.18
C PRO B 95 -28.06 14.99 -10.70
N PRO B 96 -28.03 14.26 -9.58
CA PRO B 96 -29.27 13.64 -9.11
C PRO B 96 -30.29 14.68 -8.66
N ARG B 97 -31.57 14.32 -8.72
CA ARG B 97 -32.65 15.20 -8.25
C ARG B 97 -32.47 15.52 -6.76
N GLU B 98 -32.17 14.50 -5.97
CA GLU B 98 -32.01 14.63 -4.51
C GLU B 98 -30.54 14.51 -4.10
N PRO B 99 -30.15 15.21 -3.03
CA PRO B 99 -28.77 15.13 -2.53
C PRO B 99 -28.50 13.87 -1.68
N GLU B 100 -29.52 13.05 -1.47
CA GLU B 100 -29.46 11.89 -0.58
C GLU B 100 -28.36 10.89 -0.94
N SER B 101 -28.15 10.61 -2.22
CA SER B 101 -27.18 9.60 -2.63
C SER B 101 -25.74 9.94 -2.22
N GLU B 102 -25.45 11.23 -2.07
CA GLU B 102 -24.14 11.68 -1.59
C GLU B 102 -23.85 11.27 -0.15
N VAL B 103 -24.89 11.14 0.67
CA VAL B 103 -24.73 10.62 2.03
C VAL B 103 -24.13 9.22 1.97
N HIS B 104 -24.62 8.40 1.04
CA HIS B 104 -24.16 7.02 0.91
C HIS B 104 -22.80 6.95 0.21
N GLU B 105 -22.47 7.96 -0.61
CA GLU B 105 -21.10 8.11 -1.14
C GLU B 105 -20.10 8.29 0.02
N VAL B 106 -20.50 9.03 1.06
CA VAL B 106 -19.65 9.22 2.22
C VAL B 106 -19.33 7.88 2.86
N PHE B 107 -20.37 7.05 3.07
CA PHE B 107 -20.20 5.71 3.63
C PHE B 107 -19.16 4.92 2.85
N LEU B 108 -19.28 4.96 1.53
CA LEU B 108 -18.37 4.25 0.66
C LEU B 108 -16.96 4.81 0.82
N THR B 109 -16.84 6.14 0.82
CA THR B 109 -15.55 6.80 0.93
C THR B 109 -14.88 6.50 2.29
N LEU B 110 -15.66 6.42 3.36
CA LEU B 110 -15.11 6.08 4.68
C LEU B 110 -14.67 4.62 4.73
N ALA B 111 -15.46 3.72 4.14
CA ALA B 111 -15.12 2.30 4.06
C ALA B 111 -13.76 2.03 3.38
N THR B 112 -13.42 2.85 2.37
CA THR B 112 -12.14 2.69 1.68
C THR B 112 -10.94 2.93 2.59
N ALA B 113 -11.10 3.76 3.60
CA ALA B 113 -9.99 4.08 4.51
C ALA B 113 -9.43 2.84 5.21
N HIS B 114 -10.31 1.88 5.50
CA HIS B 114 -9.93 0.65 6.16
C HIS B 114 -9.37 -0.42 5.21
N LEU B 115 -9.34 -0.10 3.91
CA LEU B 115 -8.80 -1.01 2.89
C LEU B 115 -7.53 -0.50 2.21
N GLY B 116 -7.40 0.82 2.05
CA GLY B 116 -6.23 1.40 1.39
C GLY B 116 -6.46 2.81 0.92
N ASP B 117 -5.84 3.18 -0.21
CA ASP B 117 -5.94 4.53 -0.77
C ASP B 117 -7.01 4.59 -1.86
N ILE B 118 -8.07 5.36 -1.62
CA ILE B 118 -9.09 5.58 -2.67
C ILE B 118 -8.45 6.33 -3.84
N PHE B 119 -8.81 5.96 -5.07
CA PHE B 119 -8.28 6.64 -6.26
C PHE B 119 -9.27 6.65 -7.42
N GLY B 120 -8.94 7.41 -8.46
CA GLY B 120 -9.79 7.51 -9.66
C GLY B 120 -9.00 7.48 -10.95
N TRP B 121 -9.71 7.61 -12.06
CA TRP B 121 -9.12 7.61 -13.39
C TRP B 121 -9.61 8.84 -14.15
N SER B 122 -8.69 9.55 -14.81
CA SER B 122 -9.07 10.68 -15.68
C SER B 122 -10.00 10.24 -16.81
N THR B 123 -9.84 8.99 -17.26
CA THR B 123 -10.59 8.44 -18.38
C THR B 123 -11.92 7.77 -17.98
N LEU B 124 -12.35 7.92 -16.73
CA LEU B 124 -13.66 7.40 -16.29
C LEU B 124 -14.39 8.42 -15.40
N GLN B 125 -15.65 8.68 -15.74
CA GLN B 125 -16.49 9.64 -15.02
C GLN B 125 -15.76 10.89 -14.54
N ASN B 126 -15.02 11.53 -15.43
CA ASN B 126 -14.39 12.83 -15.16
C ASN B 126 -13.40 12.80 -13.99
N GLY B 127 -12.76 11.66 -13.76
CA GLY B 127 -11.82 11.52 -12.65
C GLY B 127 -12.47 11.55 -11.27
N ARG B 128 -13.76 11.21 -11.19
CA ARG B 128 -14.47 11.19 -9.93
C ARG B 128 -14.05 10.01 -9.04
N LEU B 129 -14.01 10.25 -7.73
CA LEU B 129 -13.58 9.24 -6.76
C LEU B 129 -14.70 8.25 -6.39
N VAL B 130 -15.95 8.65 -6.63
CA VAL B 130 -17.08 7.75 -6.50
C VAL B 130 -17.90 7.76 -7.81
N HIS B 131 -18.07 6.57 -8.38
CA HIS B 131 -18.77 6.41 -9.65
C HIS B 131 -20.23 6.07 -9.42
N ASP B 132 -21.06 6.42 -10.40
CA ASP B 132 -22.45 5.96 -10.44
C ASP B 132 -22.55 4.81 -11.42
N VAL B 133 -23.03 3.66 -10.96
CA VAL B 133 -23.30 2.53 -11.83
C VAL B 133 -24.79 2.55 -12.12
N LEU B 134 -25.14 2.82 -13.38
CA LEU B 134 -26.52 2.93 -13.80
C LEU B 134 -26.58 2.89 -15.33
N PRO B 135 -27.73 2.52 -15.90
CA PRO B 135 -27.82 2.43 -17.36
C PRO B 135 -27.91 3.81 -18.01
N VAL B 136 -27.33 3.96 -19.20
CA VAL B 136 -27.30 5.26 -19.90
C VAL B 136 -27.70 5.08 -21.37
N PRO B 137 -28.66 5.89 -21.88
CA PRO B 137 -29.08 5.76 -23.28
C PRO B 137 -27.92 5.86 -24.27
N SER B 138 -27.97 5.04 -25.32
CA SER B 138 -26.91 4.91 -26.33
C SER B 138 -25.73 4.04 -25.88
N HIS B 139 -25.82 3.40 -24.72
CA HIS B 139 -24.76 2.52 -24.24
C HIS B 139 -25.29 1.14 -23.85
N GLU B 140 -26.49 0.81 -24.30
CA GLU B 140 -27.15 -0.46 -23.94
C GLU B 140 -26.32 -1.69 -24.34
N ASN B 141 -25.63 -1.61 -25.48
CA ASN B 141 -24.82 -2.72 -25.98
C ASN B 141 -23.36 -2.72 -25.51
N ASP B 142 -22.97 -1.75 -24.69
CA ASP B 142 -21.59 -1.63 -24.23
C ASP B 142 -21.25 -2.64 -23.15
N GLN B 143 -20.01 -3.11 -23.15
CA GLN B 143 -19.46 -3.90 -22.05
C GLN B 143 -18.92 -2.94 -20.99
N SER B 144 -19.84 -2.35 -20.25
CA SER B 144 -19.50 -1.39 -19.20
C SER B 144 -20.60 -1.38 -18.15
N GLY B 145 -20.38 -0.63 -17.08
CA GLY B 145 -21.37 -0.47 -16.03
C GLY B 145 -22.62 0.29 -16.46
N HIS B 146 -22.59 0.88 -17.65
CA HIS B 146 -23.73 1.62 -18.19
C HIS B 146 -24.53 0.84 -19.24
N GLY B 147 -24.15 -0.40 -19.51
CA GLY B 147 -24.88 -1.26 -20.43
C GLY B 147 -26.06 -1.98 -19.81
N THR B 148 -26.90 -2.58 -20.66
CA THR B 148 -28.02 -3.42 -20.24
C THR B 148 -27.88 -4.87 -20.75
N VAL B 149 -27.07 -5.06 -21.78
CA VAL B 149 -26.65 -6.39 -22.23
C VAL B 149 -25.78 -7.04 -21.14
N GLU B 150 -25.70 -8.37 -21.13
CA GLU B 150 -24.91 -9.07 -20.12
C GLU B 150 -23.48 -8.54 -20.08
N LEU B 151 -23.02 -8.18 -18.87
CA LEU B 151 -21.67 -7.68 -18.68
C LEU B 151 -20.75 -8.87 -18.43
N ALA B 152 -19.94 -9.20 -19.43
CA ALA B 152 -19.00 -10.33 -19.31
C ALA B 152 -18.11 -10.12 -18.08
N TRP B 153 -17.87 -11.19 -17.33
CA TRP B 153 -17.08 -11.09 -16.11
C TRP B 153 -15.61 -10.78 -16.42
N HIS B 154 -14.96 -10.11 -15.47
CA HIS B 154 -13.62 -9.58 -15.71
C HIS B 154 -12.97 -9.12 -14.41
N THR B 155 -11.64 -8.98 -14.45
CA THR B 155 -10.91 -8.26 -13.43
C THR B 155 -11.12 -6.78 -13.70
N GLU B 156 -11.39 -5.99 -12.66
CA GLU B 156 -11.58 -4.55 -12.83
C GLU B 156 -10.31 -3.92 -13.38
N ASP B 157 -10.43 -3.21 -14.51
CA ASP B 157 -9.30 -2.60 -15.19
C ASP B 157 -8.13 -3.57 -15.37
N GLY B 158 -8.44 -4.79 -15.80
CA GLY B 158 -7.46 -5.89 -15.86
C GLY B 158 -6.20 -5.59 -16.68
N PHE B 159 -6.36 -4.76 -17.69
CA PHE B 159 -5.25 -4.34 -18.55
C PHE B 159 -4.17 -3.54 -17.83
N HIS B 160 -4.57 -2.73 -16.85
CA HIS B 160 -3.69 -1.73 -16.24
C HIS B 160 -2.88 -2.31 -15.08
N PRO B 161 -1.55 -2.06 -15.07
CA PRO B 161 -0.71 -2.59 -13.98
C PRO B 161 -1.07 -2.00 -12.61
N TYR B 162 -1.62 -0.79 -12.59
CA TYR B 162 -2.06 -0.12 -11.38
C TYR B 162 -3.58 -0.16 -11.17
N ARG B 163 -4.24 -1.20 -11.70
CA ARG B 163 -5.64 -1.47 -11.40
C ARG B 163 -5.84 -1.64 -9.90
N CYS B 164 -7.08 -1.55 -9.45
CA CYS B 164 -7.38 -1.55 -8.02
C CYS B 164 -7.12 -2.90 -7.35
N ASP B 165 -6.86 -2.83 -6.05
CA ASP B 165 -6.80 -4.02 -5.21
C ASP B 165 -8.19 -4.42 -4.74
N TYR B 166 -9.01 -3.43 -4.38
CA TYR B 166 -10.36 -3.68 -3.91
C TYR B 166 -11.36 -2.82 -4.66
N LEU B 167 -12.47 -3.45 -5.04
CA LEU B 167 -13.58 -2.79 -5.73
C LEU B 167 -14.79 -2.84 -4.80
N LEU B 168 -15.40 -1.68 -4.58
CA LEU B 168 -16.54 -1.56 -3.68
C LEU B 168 -17.79 -1.20 -4.47
N LEU B 169 -18.84 -2.00 -4.31
CA LEU B 169 -20.13 -1.74 -4.95
C LEU B 169 -21.19 -1.62 -3.87
N LEU B 170 -21.88 -0.48 -3.84
CA LEU B 170 -22.93 -0.22 -2.87
C LEU B 170 -24.27 -0.09 -3.60
N GLY B 171 -25.20 -0.99 -3.28
CA GLY B 171 -26.53 -0.95 -3.88
C GLY B 171 -27.35 0.21 -3.32
N LEU B 172 -27.93 1.02 -4.21
CA LEU B 172 -28.92 2.03 -3.80
C LEU B 172 -30.34 1.69 -4.28
N ARG B 173 -30.46 1.18 -5.51
CA ARG B 173 -31.74 0.76 -6.06
C ARG B 173 -31.54 -0.42 -7.01
N ASN B 174 -32.36 -1.45 -6.84
CA ASN B 174 -32.31 -2.64 -7.70
C ASN B 174 -33.64 -3.40 -7.61
N HIS B 175 -34.69 -2.80 -8.16
CA HIS B 175 -36.06 -3.32 -8.03
C HIS B 175 -36.24 -4.70 -8.67
N ASP B 176 -35.53 -4.94 -9.77
CA ASP B 176 -35.65 -6.19 -10.52
C ASP B 176 -34.66 -7.27 -10.08
N ALA B 177 -33.89 -7.00 -9.02
CA ALA B 177 -32.98 -7.99 -8.42
C ALA B 177 -31.94 -8.52 -9.43
N VAL B 178 -31.35 -7.61 -10.20
CA VAL B 178 -30.34 -7.98 -11.17
C VAL B 178 -29.08 -8.43 -10.43
N PRO B 179 -28.64 -9.68 -10.66
CA PRO B 179 -27.52 -10.21 -9.90
C PRO B 179 -26.15 -9.75 -10.41
N THR B 180 -25.22 -9.59 -9.46
CA THR B 180 -23.81 -9.46 -9.76
C THR B 180 -23.20 -10.86 -9.70
N GLY B 181 -22.51 -11.28 -10.76
CA GLY B 181 -21.80 -12.55 -10.75
C GLY B 181 -20.40 -12.38 -10.20
N VAL B 182 -19.95 -13.33 -9.38
CA VAL B 182 -18.56 -13.35 -8.88
C VAL B 182 -17.99 -14.77 -8.88
N ALA B 183 -16.72 -14.89 -9.25
CA ALA B 183 -16.00 -16.16 -9.19
C ALA B 183 -14.59 -15.91 -8.69
N GLY B 184 -14.12 -16.79 -7.81
CA GLY B 184 -12.81 -16.62 -7.16
C GLY B 184 -11.75 -17.57 -7.67
N VAL B 185 -10.55 -17.03 -7.90
CA VAL B 185 -9.40 -17.84 -8.31
C VAL B 185 -9.03 -18.92 -7.28
N ASP B 186 -9.35 -18.71 -6.00
CA ASP B 186 -9.07 -19.71 -4.96
C ASP B 186 -9.92 -20.98 -5.14
N GLN B 187 -11.04 -20.88 -5.84
CA GLN B 187 -11.97 -22.02 -6.04
C GLN B 187 -11.77 -22.76 -7.36
N VAL B 188 -10.75 -22.38 -8.13
CA VAL B 188 -10.54 -22.91 -9.48
C VAL B 188 -9.80 -24.26 -9.46
N VAL B 189 -10.33 -25.23 -10.20
CA VAL B 189 -9.65 -26.50 -10.48
C VAL B 189 -8.87 -26.34 -11.79
N LEU B 190 -7.57 -26.59 -11.75
CA LEU B 190 -6.72 -26.29 -12.90
C LEU B 190 -5.42 -27.08 -12.83
N SER B 191 -5.00 -27.65 -13.96
CA SER B 191 -3.81 -28.49 -14.00
C SER B 191 -2.55 -27.67 -13.78
N ASP B 192 -1.51 -28.34 -13.29
CA ASP B 192 -0.21 -27.70 -13.07
C ASP B 192 0.35 -27.18 -14.39
N GLU B 193 0.13 -27.94 -15.46
CA GLU B 193 0.49 -27.56 -16.83
C GLU B 193 -0.07 -26.17 -17.18
N HIS B 194 -1.37 -26.00 -17.00
CA HIS B 194 -2.04 -24.73 -17.33
C HIS B 194 -1.60 -23.58 -16.44
N ARG B 195 -1.44 -23.86 -15.14
CA ARG B 195 -0.99 -22.83 -14.18
C ARG B 195 0.36 -22.21 -14.57
N GLU B 196 1.30 -23.05 -14.99
CA GLU B 196 2.63 -22.58 -15.36
C GLU B 196 2.60 -21.71 -16.62
N VAL B 197 1.77 -22.07 -17.59
CA VAL B 197 1.61 -21.27 -18.82
C VAL B 197 0.95 -19.92 -18.52
N LEU B 198 -0.10 -19.94 -17.70
CA LEU B 198 -0.79 -18.73 -17.28
C LEU B 198 0.07 -17.80 -16.40
N SER B 199 1.08 -18.37 -15.75
CA SER B 199 2.03 -17.61 -14.93
C SER B 199 3.13 -16.92 -15.73
N GLN B 200 3.22 -17.22 -17.03
CA GLN B 200 4.19 -16.59 -17.92
C GLN B 200 3.55 -15.43 -18.67
N PRO B 201 4.37 -14.47 -19.15
CA PRO B 201 3.81 -13.33 -19.88
C PRO B 201 3.48 -13.70 -21.33
N ARG B 202 2.41 -14.46 -21.52
CA ARG B 202 1.99 -14.89 -22.85
C ARG B 202 0.59 -14.41 -23.20
N PHE B 203 0.20 -13.26 -22.64
CA PHE B 203 -1.16 -12.76 -22.83
C PHE B 203 -1.18 -11.26 -23.01
N LEU B 204 -2.12 -10.80 -23.83
CA LEU B 204 -2.32 -9.37 -24.08
C LEU B 204 -3.71 -8.96 -23.61
N ILE B 205 -3.75 -8.11 -22.59
CA ILE B 205 -5.01 -7.60 -22.05
C ILE B 205 -5.09 -6.12 -22.38
N ARG B 206 -6.21 -5.70 -22.97
CA ARG B 206 -6.36 -4.35 -23.50
C ARG B 206 -7.40 -3.56 -22.72
N PRO B 207 -7.34 -2.22 -22.78
CA PRO B 207 -8.37 -1.41 -22.13
C PRO B 207 -9.76 -1.61 -22.75
N ASP B 208 -10.79 -1.36 -21.96
CA ASP B 208 -12.16 -1.51 -22.40
C ASP B 208 -12.63 -0.26 -23.13
N THR B 209 -13.79 -0.39 -23.77
CA THR B 209 -14.38 0.68 -24.59
C THR B 209 -14.48 2.03 -23.91
N GLU B 210 -14.93 2.03 -22.65
CA GLU B 210 -15.17 3.28 -21.94
C GLU B 210 -13.90 4.09 -21.67
N HIS B 211 -12.85 3.40 -21.19
CA HIS B 211 -11.53 4.03 -21.03
C HIS B 211 -11.05 4.67 -22.33
N LEU B 212 -11.11 3.92 -23.43
CA LEU B 212 -10.60 4.41 -24.72
C LEU B 212 -11.36 5.63 -25.24
N ARG B 213 -12.69 5.62 -25.12
CA ARG B 213 -13.53 6.76 -25.50
C ARG B 213 -12.97 8.08 -24.99
N HIS B 214 -12.66 8.13 -23.68
CA HIS B 214 -12.20 9.35 -23.02
C HIS B 214 -10.71 9.60 -23.19
N ALA B 215 -9.93 8.52 -23.30
CA ALA B 215 -8.50 8.64 -23.61
C ALA B 215 -8.28 9.41 -24.91
N ARG B 216 -9.12 9.15 -25.91
CA ARG B 216 -9.00 9.77 -27.22
C ARG B 216 -9.15 11.29 -27.13
N THR B 217 -10.17 11.74 -26.40
CA THR B 217 -10.42 13.18 -26.25
C THR B 217 -9.42 13.87 -25.31
N LEU B 218 -8.89 13.15 -24.33
CA LEU B 218 -7.87 13.70 -23.44
C LEU B 218 -6.55 13.99 -24.16
N ALA B 219 -6.18 13.12 -25.10
CA ALA B 219 -4.99 13.33 -25.93
C ALA B 219 -5.16 14.52 -26.88
N ALA B 220 -6.42 14.85 -27.22
CA ALA B 220 -6.71 16.02 -28.03
C ALA B 220 -6.55 17.32 -27.22
N ASP B 221 -7.20 17.38 -26.07
CA ASP B 221 -7.13 18.56 -25.20
C ASP B 221 -5.70 18.82 -24.73
N ARG B 222 -4.96 17.75 -24.49
CA ARG B 222 -3.54 17.83 -24.15
C ARG B 222 -2.72 17.76 -25.44
N GLY B 223 -1.42 17.88 -25.30
CA GLY B 223 -0.50 17.68 -26.42
C GLY B 223 -0.08 16.23 -26.55
N SER B 224 0.27 15.62 -25.42
CA SER B 224 0.90 14.30 -25.40
C SER B 224 -0.09 13.16 -25.68
N PRO B 225 0.43 11.98 -26.08
CA PRO B 225 -0.44 10.82 -26.22
C PRO B 225 -0.79 10.24 -24.86
N HIS B 226 -1.85 9.44 -24.80
CA HIS B 226 -2.36 8.92 -23.53
C HIS B 226 -1.89 7.48 -23.31
N ALA B 227 -1.48 7.17 -22.09
CA ALA B 227 -0.92 5.84 -21.76
C ALA B 227 -1.91 4.71 -22.06
N VAL B 228 -3.19 4.96 -21.77
CA VAL B 228 -4.27 4.03 -22.07
C VAL B 228 -4.36 3.73 -23.57
N GLN B 229 -4.25 4.77 -24.40
CA GLN B 229 -4.23 4.57 -25.86
C GLN B 229 -3.06 3.70 -26.27
N LEU B 230 -1.89 3.96 -25.70
CA LEU B 230 -0.70 3.13 -25.94
C LEU B 230 -0.90 1.68 -25.51
N MET B 231 -1.68 1.47 -24.44
CA MET B 231 -1.93 0.11 -23.94
C MET B 231 -2.86 -0.68 -24.87
N GLN B 232 -3.70 0.02 -25.61
CA GLN B 232 -4.51 -0.61 -26.66
C GLN B 232 -3.62 -1.00 -27.86
N ASP B 233 -2.80 -0.07 -28.31
CA ASP B 233 -2.04 -0.25 -29.56
C ASP B 233 -0.84 -1.18 -29.40
N GLU B 234 -0.07 -0.98 -28.33
CA GLU B 234 1.11 -1.81 -28.04
C GLU B 234 1.01 -2.42 -26.64
N PRO B 235 0.07 -3.37 -26.44
CA PRO B 235 -0.05 -3.99 -25.11
C PRO B 235 1.17 -4.84 -24.77
N GLU B 236 1.71 -4.66 -23.56
CA GLU B 236 2.86 -5.44 -23.13
C GLU B 236 2.41 -6.83 -22.68
N PRO B 237 3.06 -7.90 -23.18
CA PRO B 237 2.71 -9.24 -22.73
C PRO B 237 2.78 -9.37 -21.20
N CYS B 238 1.80 -10.05 -20.61
CA CYS B 238 1.72 -10.19 -19.17
C CYS B 238 1.11 -11.53 -18.77
N ALA B 239 1.26 -11.86 -17.48
CA ALA B 239 0.75 -13.12 -16.94
C ALA B 239 -0.66 -12.95 -16.40
N VAL B 240 -1.44 -14.02 -16.46
CA VAL B 240 -2.81 -14.06 -15.94
C VAL B 240 -2.86 -14.52 -14.48
N LEU B 241 -1.95 -15.42 -14.11
CA LEU B 241 -1.77 -15.81 -12.71
C LEU B 241 -0.45 -15.21 -12.22
N PHE B 242 -0.46 -14.63 -11.03
CA PHE B 242 0.75 -14.03 -10.46
C PHE B 242 0.77 -14.18 -8.95
N GLY B 243 1.77 -13.58 -8.30
CA GLY B 243 1.97 -13.75 -6.86
C GLY B 243 2.63 -15.08 -6.57
N HIS B 244 2.25 -15.72 -5.47
CA HIS B 244 2.80 -17.01 -5.09
C HIS B 244 2.09 -18.12 -5.88
N PRO B 245 2.85 -18.99 -6.56
CA PRO B 245 2.22 -20.01 -7.42
C PRO B 245 1.37 -21.05 -6.69
N ASP B 246 1.61 -21.26 -5.40
CA ASP B 246 0.80 -22.20 -4.59
C ASP B 246 -0.61 -21.67 -4.29
N ARG B 247 -0.79 -20.35 -4.30
CA ARG B 247 -2.12 -19.74 -4.25
C ARG B 247 -2.06 -18.37 -4.93
N PRO B 248 -2.12 -18.35 -6.28
CA PRO B 248 -1.85 -17.15 -7.05
C PRO B 248 -2.98 -16.12 -7.03
N TYR B 249 -2.66 -14.93 -7.50
CA TYR B 249 -3.65 -13.88 -7.77
C TYR B 249 -4.00 -13.92 -9.26
N LEU B 250 -5.10 -13.27 -9.63
CA LEU B 250 -5.68 -13.37 -10.97
C LEU B 250 -5.73 -12.01 -11.69
N ARG B 251 -5.49 -12.04 -13.00
CA ARG B 251 -5.56 -10.87 -13.86
C ARG B 251 -6.12 -11.32 -15.21
N ILE B 252 -7.39 -11.02 -15.47
CA ILE B 252 -8.06 -11.55 -16.66
C ILE B 252 -9.26 -10.69 -17.12
N ASP B 253 -9.46 -10.64 -18.43
CA ASP B 253 -10.58 -9.89 -19.02
C ASP B 253 -10.88 -10.45 -20.42
N PRO B 254 -11.63 -11.57 -20.48
CA PRO B 254 -11.90 -12.28 -21.73
C PRO B 254 -12.32 -11.38 -22.90
N ALA B 255 -13.23 -10.44 -22.65
CA ALA B 255 -13.78 -9.59 -23.70
C ALA B 255 -12.77 -8.60 -24.31
N PHE B 256 -11.66 -8.34 -23.62
CA PHE B 256 -10.65 -7.42 -24.12
C PHE B 256 -9.23 -8.00 -24.02
N MET B 257 -9.11 -9.30 -24.26
CA MET B 257 -7.80 -9.95 -24.21
C MET B 257 -7.68 -11.04 -25.25
N SER B 258 -6.44 -11.45 -25.49
CA SER B 258 -6.18 -12.65 -26.28
C SER B 258 -4.82 -13.21 -25.92
N PRO B 259 -4.60 -14.51 -26.18
CA PRO B 259 -3.25 -15.04 -26.01
C PRO B 259 -2.34 -14.50 -27.11
N LEU B 260 -1.04 -14.65 -26.94
CA LEU B 260 -0.11 -14.32 -28.01
C LEU B 260 -0.49 -15.13 -29.24
N PRO B 261 -0.37 -14.53 -30.43
CA PRO B 261 -0.64 -15.30 -31.64
C PRO B 261 0.43 -16.37 -31.86
N GLY B 262 0.04 -17.49 -32.43
CA GLY B 262 0.95 -18.63 -32.62
C GLY B 262 1.39 -19.24 -31.30
N ASP B 263 0.47 -19.29 -30.34
CA ASP B 263 0.75 -19.81 -29.00
C ASP B 263 -0.46 -20.64 -28.58
N PRO B 264 -0.51 -21.91 -29.00
CA PRO B 264 -1.69 -22.76 -28.75
C PRO B 264 -1.84 -23.20 -27.29
N GLU B 265 -0.72 -23.41 -26.60
CA GLU B 265 -0.75 -23.84 -25.20
C GLU B 265 -1.24 -22.70 -24.29
N ALA B 266 -0.90 -21.47 -24.65
CA ALA B 266 -1.43 -20.30 -23.96
C ALA B 266 -2.94 -20.16 -24.18
N ALA B 267 -3.39 -20.39 -25.40
CA ALA B 267 -4.81 -20.32 -25.74
C ALA B 267 -5.61 -21.41 -25.03
N ALA B 268 -5.06 -22.63 -24.97
CA ALA B 268 -5.71 -23.75 -24.31
C ALA B 268 -5.81 -23.55 -22.80
N ALA B 269 -4.74 -23.02 -22.20
CA ALA B 269 -4.71 -22.75 -20.76
C ALA B 269 -5.75 -21.70 -20.38
N LEU B 270 -5.86 -20.65 -21.20
CA LEU B 270 -6.81 -19.57 -20.97
C LEU B 270 -8.26 -20.07 -21.02
N GLU B 271 -8.59 -20.84 -22.04
CA GLU B 271 -9.94 -21.39 -22.17
C GLU B 271 -10.28 -22.34 -21.02
N ALA B 272 -9.27 -23.10 -20.57
CA ALA B 272 -9.43 -23.97 -19.41
C ALA B 272 -9.73 -23.17 -18.14
N LEU B 273 -8.98 -22.09 -17.91
CA LEU B 273 -9.25 -21.19 -16.77
C LEU B 273 -10.59 -20.47 -16.92
N THR B 274 -10.89 -20.02 -18.13
CA THR B 274 -12.14 -19.33 -18.41
C THR B 274 -13.35 -20.22 -18.11
N ALA B 275 -13.25 -21.50 -18.45
CA ALA B 275 -14.35 -22.44 -18.25
C ALA B 275 -14.63 -22.68 -16.77
N GLU B 276 -13.56 -22.75 -15.98
CA GLU B 276 -13.70 -22.91 -14.53
C GLU B 276 -14.34 -21.71 -13.87
N LEU B 277 -13.83 -20.52 -14.16
CA LEU B 277 -14.40 -19.29 -13.62
C LEU B 277 -15.88 -19.17 -13.99
N GLN B 278 -16.23 -19.57 -15.21
CA GLN B 278 -17.63 -19.61 -15.64
C GLN B 278 -18.43 -20.61 -14.81
N ARG B 279 -17.87 -21.80 -14.61
CA ARG B 279 -18.53 -22.86 -13.82
C ARG B 279 -18.86 -22.41 -12.40
N ASN B 280 -17.91 -21.75 -11.75
CA ASN B 280 -18.06 -21.34 -10.35
C ASN B 280 -18.64 -19.94 -10.17
N LEU B 281 -19.19 -19.37 -11.24
CA LEU B 281 -19.78 -18.03 -11.18
C LEU B 281 -20.99 -18.06 -10.27
N THR B 282 -21.04 -17.14 -9.32
CA THR B 282 -22.03 -17.18 -8.25
C THR B 282 -22.74 -15.84 -8.13
N ASP B 283 -24.07 -15.88 -8.05
CA ASP B 283 -24.90 -14.68 -8.03
C ASP B 283 -24.96 -14.01 -6.66
N VAL B 284 -24.73 -12.71 -6.64
CA VAL B 284 -24.99 -11.88 -5.46
C VAL B 284 -25.89 -10.71 -5.90
N VAL B 285 -27.12 -10.69 -5.38
CA VAL B 285 -28.05 -9.61 -5.68
C VAL B 285 -27.84 -8.48 -4.68
N LEU B 286 -27.44 -7.32 -5.17
CA LEU B 286 -27.28 -6.15 -4.32
C LEU B 286 -28.63 -5.47 -4.12
N SER B 287 -29.16 -5.56 -2.91
CA SER B 287 -30.34 -4.82 -2.50
C SER B 287 -29.91 -3.45 -2.01
N PRO B 288 -30.86 -2.49 -1.88
CA PRO B 288 -30.50 -1.19 -1.33
C PRO B 288 -29.83 -1.31 0.04
N GLY B 289 -28.67 -0.68 0.18
CA GLY B 289 -27.90 -0.75 1.42
C GLY B 289 -26.81 -1.80 1.46
N ASP B 290 -26.79 -2.71 0.49
CA ASP B 290 -25.78 -3.78 0.48
C ASP B 290 -24.44 -3.29 -0.07
N LEU B 291 -23.38 -3.51 0.70
CA LEU B 291 -22.02 -3.21 0.27
C LEU B 291 -21.31 -4.50 -0.13
N LEU B 292 -20.82 -4.57 -1.36
CA LEU B 292 -20.01 -5.69 -1.82
C LEU B 292 -18.56 -5.24 -1.99
N VAL B 293 -17.67 -5.82 -1.19
CA VAL B 293 -16.24 -5.57 -1.33
C VAL B 293 -15.56 -6.74 -2.02
N ILE B 294 -14.96 -6.48 -3.17
CA ILE B 294 -14.35 -7.50 -3.99
C ILE B 294 -12.84 -7.36 -3.98
N ASP B 295 -12.14 -8.45 -3.71
CA ASP B 295 -10.70 -8.46 -3.86
C ASP B 295 -10.37 -8.65 -5.33
N ASN B 296 -10.00 -7.55 -5.99
CA ASN B 296 -9.78 -7.53 -7.44
C ASN B 296 -8.55 -8.33 -7.88
N TYR B 297 -7.72 -8.74 -6.92
CA TYR B 297 -6.59 -9.63 -7.20
C TYR B 297 -6.98 -11.11 -7.11
N ARG B 298 -8.17 -11.41 -6.62
CA ARG B 298 -8.63 -12.81 -6.46
C ARG B 298 -10.00 -13.12 -7.08
N VAL B 299 -10.69 -12.11 -7.60
CA VAL B 299 -12.07 -12.27 -8.03
C VAL B 299 -12.30 -11.64 -9.39
N VAL B 300 -13.17 -12.25 -10.18
CA VAL B 300 -13.73 -11.64 -11.38
C VAL B 300 -15.21 -11.42 -11.12
N HIS B 301 -15.79 -10.41 -11.76
CA HIS B 301 -17.20 -10.12 -11.57
C HIS B 301 -17.85 -9.65 -12.85
N GLY B 302 -19.15 -9.92 -12.97
CA GLY B 302 -19.96 -9.49 -14.10
C GLY B 302 -21.33 -9.08 -13.60
N ARG B 303 -22.25 -8.90 -14.52
CA ARG B 303 -23.62 -8.48 -14.17
C ARG B 303 -24.57 -8.92 -15.28
N ALA B 304 -25.71 -9.49 -14.89
CA ALA B 304 -26.63 -10.10 -15.84
C ALA B 304 -27.27 -9.08 -16.76
N ALA B 305 -27.74 -9.54 -17.92
CA ALA B 305 -28.52 -8.70 -18.80
C ALA B 305 -29.81 -8.29 -18.08
N PHE B 306 -30.29 -7.09 -18.35
CA PHE B 306 -31.56 -6.62 -17.79
C PHE B 306 -32.17 -5.58 -18.72
N LYS B 307 -33.41 -5.18 -18.41
CA LYS B 307 -34.15 -4.24 -19.26
C LYS B 307 -34.27 -2.88 -18.57
N ALA B 308 -33.62 -1.87 -19.14
CA ALA B 308 -33.69 -0.50 -18.60
C ALA B 308 -34.97 0.20 -19.07
N ARG B 309 -35.52 1.05 -18.21
CA ARG B 309 -36.72 1.85 -18.51
C ARG B 309 -36.45 3.34 -18.71
N PHE B 310 -35.32 3.83 -18.18
CA PHE B 310 -34.98 5.26 -18.21
C PHE B 310 -36.13 6.15 -17.74
N ASP B 311 -36.76 5.75 -16.63
CA ASP B 311 -37.92 6.45 -16.08
C ASP B 311 -37.73 6.85 -14.61
N GLY B 312 -36.49 6.79 -14.12
CA GLY B 312 -36.19 7.12 -12.72
C GLY B 312 -36.16 5.96 -11.73
N THR B 313 -36.57 4.77 -12.17
CA THR B 313 -36.62 3.60 -11.28
C THR B 313 -35.50 2.59 -11.52
N ASP B 314 -34.58 2.89 -12.44
CA ASP B 314 -33.57 1.94 -12.87
C ASP B 314 -32.53 1.58 -11.80
N ARG B 315 -31.84 0.46 -12.05
CA ARG B 315 -30.75 -0.02 -11.19
C ARG B 315 -29.69 1.06 -10.96
N TRP B 316 -29.29 1.20 -9.70
CA TRP B 316 -28.35 2.26 -9.30
C TRP B 316 -27.42 1.78 -8.20
N LEU B 317 -26.12 1.76 -8.49
CA LEU B 317 -25.09 1.48 -7.50
C LEU B 317 -24.14 2.67 -7.40
N LYS B 318 -23.47 2.77 -6.26
CA LYS B 318 -22.30 3.64 -6.11
C LYS B 318 -21.07 2.73 -6.09
N LYS B 319 -19.95 3.27 -6.58
CA LYS B 319 -18.78 2.45 -6.82
C LYS B 319 -17.50 3.23 -6.50
N ALA B 320 -16.58 2.58 -5.81
CA ALA B 320 -15.27 3.16 -5.50
C ALA B 320 -14.20 2.08 -5.69
N VAL B 321 -13.01 2.50 -6.09
CA VAL B 321 -11.88 1.58 -6.23
C VAL B 321 -10.75 1.98 -5.31
N VAL B 322 -10.02 0.99 -4.81
CA VAL B 322 -8.97 1.23 -3.81
C VAL B 322 -7.67 0.54 -4.24
N THR B 323 -6.57 1.26 -4.10
CA THR B 323 -5.23 0.69 -4.30
C THR B 323 -4.57 0.64 -2.94
N ARG B 324 -3.89 -0.46 -2.66
CA ARG B 324 -3.19 -0.60 -1.39
C ARG B 324 -1.98 0.32 -1.34
N ASP B 325 -1.47 0.76 -2.50
CA ASP B 325 -0.38 1.73 -2.56
C ASP B 325 -0.46 2.71 -3.75
N LEU B 326 -0.92 3.92 -3.46
CA LEU B 326 -1.06 4.97 -4.46
C LEU B 326 0.29 5.40 -5.06
N ARG B 327 1.36 5.32 -4.25
CA ARG B 327 2.68 5.71 -4.71
C ARG B 327 3.21 4.93 -5.93
N LYS B 328 2.79 3.68 -6.12
CA LYS B 328 3.28 2.91 -7.27
C LYS B 328 2.85 3.51 -8.62
N SER B 329 1.78 4.29 -8.63
CA SER B 329 1.31 4.95 -9.86
C SER B 329 1.82 6.40 -9.99
N ARG B 330 2.85 6.75 -9.23
CA ARG B 330 3.33 8.14 -9.19
C ARG B 330 3.66 8.70 -10.57
N ALA B 331 4.27 7.88 -11.42
CA ALA B 331 4.66 8.29 -12.77
C ALA B 331 3.47 8.60 -13.69
N HIS B 332 2.28 8.11 -13.33
CA HIS B 332 1.04 8.37 -14.08
C HIS B 332 0.12 9.38 -13.40
N ARG B 333 0.65 10.11 -12.43
CA ARG B 333 -0.13 11.11 -11.70
C ARG B 333 0.61 12.44 -11.76
N LYS B 334 -0.13 13.53 -11.63
CA LYS B 334 0.45 14.87 -11.85
C LYS B 334 1.25 15.38 -10.65
N SER B 335 0.91 14.92 -9.45
CA SER B 335 1.73 15.17 -8.26
C SER B 335 1.57 14.03 -7.25
N ALA B 336 2.38 14.04 -6.21
CA ALA B 336 2.43 12.95 -5.23
C ALA B 336 1.09 12.73 -4.55
N ALA B 337 0.46 13.82 -4.13
CA ALA B 337 -0.77 13.75 -3.33
C ALA B 337 -2.06 13.55 -4.14
N GLU B 338 -2.01 13.75 -5.46
CA GLU B 338 -3.25 13.68 -6.24
C GLU B 338 -3.66 12.25 -6.57
N ARG B 339 -4.96 11.99 -6.48
CA ARG B 339 -5.50 10.64 -6.45
C ARG B 339 -6.05 10.16 -7.80
N VAL B 340 -5.96 10.99 -8.83
CA VAL B 340 -6.49 10.63 -10.16
C VAL B 340 -5.35 10.34 -11.13
N LEU B 341 -5.39 9.16 -11.74
CA LEU B 341 -4.41 8.81 -12.77
C LEU B 341 -4.69 9.60 -14.05
N LEU B 342 -3.63 10.06 -14.70
CA LEU B 342 -3.74 10.89 -15.92
C LEU B 342 -4.26 10.09 -17.11
#